data_7W3X
#
_entry.id   7W3X
#
_cell.length_a   1.00
_cell.length_b   1.00
_cell.length_c   1.00
_cell.angle_alpha   90.00
_cell.angle_beta   90.00
_cell.angle_gamma   90.00
#
_symmetry.space_group_name_H-M   'P 1'
#
loop_
_entity.id
_entity.type
_entity.pdbx_description
1 polymer 'Membrane-localized LRR receptor-like protein'
2 branched alpha-D-mannopyranose-(1-2)-alpha-D-mannopyranose-(1-6)-[alpha-D-mannopyranose-(1-3)]alpha-D-mannopyranose-(1-6)-[alpha-D-mannopyranose-(1-3)]beta-D-mannopyranose-(1-4)-2-acetamido-2-deoxy-beta-D-glucopyranose-(1-4)-2-acetamido-2-deoxy-beta-D-glucopyranose
3 branched 2-acetamido-2-deoxy-beta-D-glucopyranose-(1-4)-2-acetamido-2-deoxy-beta-D-glucopyranose
4 branched alpha-D-mannopyranose-(1-3)-[alpha-D-mannopyranose-(1-6)]beta-D-mannopyranose-(1-4)-2-acetamido-2-deoxy-beta-D-glucopyranose-(1-4)-2-acetamido-2-deoxy-beta-D-glucopyranose
5 branched beta-D-mannopyranose-(1-4)-2-acetamido-2-deoxy-beta-D-glucopyranose-(1-4)-2-acetamido-2-deoxy-beta-D-glucopyranose
6 non-polymer 2-acetamido-2-deoxy-beta-D-glucopyranose
#
_entity_poly.entity_id   1
_entity_poly.type   'polypeptide(L)'
_entity_poly.pdbx_seq_one_letter_code
;MGKREYPSSAHFLVTLSLLLLQAAFGLTLCIEKERDALLEFKRGLSDNFGQLSTWGDEEDKKECCKWKGIECNKTTGHVI
VLDLHNAFTCSASACFAPRLTGKLSPSLLELEYLNFLDLSVNEFERSEIPRFICSFKRLEYLNLSSSFFSGLIPTQFKNL
TSLRILDLGYNNLIVKDLTWLSHLSSLELLSLGGSDFQVKNWFQEITKLPLLKELDLSLCGLSKLVPSPAEIANSSLISL
SVLHLCCNEFSSSAKYSWLFNFSTSLTSIDLSNNQLDGQIDDRFGNLMYLEHLNLANELNLKGGIPSSFGNLTRLRYLDM
SNTRTYQWLPELFVRLSGSRKTLEVLGLNDNSMFGSLVDVTRFSALKRLYLQKNVLNGFFMERFGQVSSLEYLDLSDNQM
RGPLPDLALFPSLRELHLGSNHFNGRIPQGIGKLSQLKILDVSSNRLEGLPESMGQLSNLESFDASYNVLKGTITESHLS
NLSSLVDLDLSFNSLALKTSIDWLPPFQLQVINLPSCNLGPSFPKWLQSQNNYTVLDISLANISDALPSWFSGLPPDIKI
LNLSNNQISGRVSDLIENAYDYMVIDLSSNNFSGPLPLVPTNVQIFYLHKNQFFGSISSICKSTTGATSLDLSHNQFSGE
LPDCWMNATNLAVLNLAYNNFSGKLPQSLGSLTNLEALYMRQNSFSGMLPSLSQCQSLQILDLGGNKLTGRIPAWIGTDL
LNLRILSLRFNKFYGSISPIICQLQFLQILDLSANGLAGKIPQCFNNFTLLHQENGLGEPMEFLVQGFYGKYPRHYSYLG
NLLVQWKNQEAEYKNPLTYLKTIDLSSNKLVGGIPKEMAEMRGLKSLNLSRNDLNGSIIKGIGQMKMLESLDLSRNQLSG
MIPKDLANLTFIGVLDLSNNHLSGRIPSSTQLQTFERSSYSGNAQLCGPPLQEC
;
_entity_poly.pdbx_strand_id   C
#
loop_
_chem_comp.id
_chem_comp.type
_chem_comp.name
_chem_comp.formula
BMA D-saccharide, beta linking beta-D-mannopyranose 'C6 H12 O6'
MAN D-saccharide, alpha linking alpha-D-mannopyranose 'C6 H12 O6'
NAG D-saccharide, beta linking 2-acetamido-2-deoxy-beta-D-glucopyranose 'C8 H15 N O6'
#
# COMPACT_ATOMS: atom_id res chain seq x y z
N LEU A 29 -20.13 -17.09 -50.54
CA LEU A 29 -19.83 -16.81 -51.94
C LEU A 29 -19.40 -15.36 -52.11
N CYS A 30 -18.13 -15.10 -51.83
CA CYS A 30 -17.62 -13.74 -51.88
C CYS A 30 -17.57 -13.21 -53.30
N ILE A 31 -17.80 -11.91 -53.46
CA ILE A 31 -17.66 -11.23 -54.74
C ILE A 31 -16.23 -10.73 -54.85
N GLU A 32 -15.59 -11.00 -55.99
CA GLU A 32 -14.18 -10.66 -56.16
C GLU A 32 -13.95 -9.16 -56.05
N LYS A 33 -14.92 -8.35 -56.47
CA LYS A 33 -14.76 -6.90 -56.36
C LYS A 33 -14.70 -6.47 -54.90
N GLU A 34 -15.56 -7.04 -54.06
CA GLU A 34 -15.54 -6.70 -52.64
C GLU A 34 -14.25 -7.17 -51.98
N ARG A 35 -13.76 -8.35 -52.36
CA ARG A 35 -12.51 -8.84 -51.80
C ARG A 35 -11.34 -7.94 -52.20
N ASP A 36 -11.31 -7.49 -53.45
CA ASP A 36 -10.27 -6.58 -53.87
C ASP A 36 -10.36 -5.25 -53.11
N ALA A 37 -11.58 -4.76 -52.90
CA ALA A 37 -11.75 -3.53 -52.13
C ALA A 37 -11.27 -3.70 -50.70
N LEU A 38 -11.57 -4.85 -50.08
CA LEU A 38 -11.11 -5.10 -48.72
C LEU A 38 -9.59 -5.16 -48.66
N LEU A 39 -8.96 -5.81 -49.64
CA LEU A 39 -7.51 -5.86 -49.68
C LEU A 39 -6.92 -4.46 -49.84
N GLU A 40 -7.54 -3.63 -50.68
CA GLU A 40 -7.08 -2.25 -50.84
C GLU A 40 -7.22 -1.48 -49.54
N PHE A 41 -8.30 -1.71 -48.80
CA PHE A 41 -8.45 -1.08 -47.49
C PHE A 41 -7.35 -1.53 -46.54
N LYS A 42 -7.03 -2.83 -46.55
CA LYS A 42 -5.99 -3.34 -45.66
C LYS A 42 -4.62 -2.78 -46.02
N ARG A 43 -4.36 -2.55 -47.30
CA ARG A 43 -3.03 -2.08 -47.72
C ARG A 43 -2.67 -0.76 -47.07
N GLY A 44 -3.66 0.11 -46.85
CA GLY A 44 -3.42 1.39 -46.23
C GLY A 44 -3.34 1.38 -44.72
N LEU A 45 -3.48 0.23 -44.08
CA LEU A 45 -3.45 0.12 -42.63
C LEU A 45 -2.21 -0.66 -42.19
N SER A 46 -1.60 -0.20 -41.10
CA SER A 46 -0.42 -0.87 -40.54
C SER A 46 -0.85 -1.66 -39.30
N ASP A 47 -1.29 -2.90 -39.55
CA ASP A 47 -1.77 -3.79 -38.50
C ASP A 47 -0.56 -4.44 -37.82
N ASN A 48 -0.05 -3.79 -36.78
CA ASN A 48 1.15 -4.23 -36.11
C ASN A 48 0.88 -5.13 -34.90
N PHE A 49 -0.38 -5.48 -34.64
CA PHE A 49 -0.72 -6.25 -33.45
C PHE A 49 -1.39 -7.57 -33.77
N GLY A 50 -1.29 -8.05 -35.00
CA GLY A 50 -1.86 -9.34 -35.36
C GLY A 50 -3.27 -9.29 -35.86
N GLN A 51 -3.96 -8.17 -35.76
CA GLN A 51 -5.26 -8.04 -36.38
C GLN A 51 -5.10 -8.01 -37.90
N LEU A 52 -6.17 -8.38 -38.60
CA LEU A 52 -6.18 -8.45 -40.06
C LEU A 52 -5.21 -9.50 -40.59
N SER A 53 -4.69 -10.37 -39.71
CA SER A 53 -3.76 -11.39 -40.15
C SER A 53 -4.43 -12.43 -41.03
N THR A 54 -5.68 -12.77 -40.74
CA THR A 54 -6.42 -13.69 -41.60
C THR A 54 -6.60 -13.14 -43.00
N TRP A 55 -6.50 -11.83 -43.18
CA TRP A 55 -6.64 -11.24 -44.49
C TRP A 55 -5.38 -11.50 -45.33
N GLY A 56 -5.50 -11.33 -46.63
CA GLY A 56 -4.35 -11.47 -47.51
C GLY A 56 -4.75 -11.98 -48.88
N ASP A 57 -3.74 -12.08 -49.75
CA ASP A 57 -3.90 -12.52 -51.12
C ASP A 57 -3.67 -14.03 -51.24
N GLU A 58 -3.25 -14.68 -50.16
CA GLU A 58 -2.92 -16.09 -50.22
C GLU A 58 -4.14 -16.92 -50.63
N GLU A 59 -3.87 -18.04 -51.31
CA GLU A 59 -4.95 -18.84 -51.89
C GLU A 59 -5.84 -19.44 -50.81
N ASP A 60 -5.26 -19.85 -49.68
CA ASP A 60 -6.05 -20.47 -48.63
C ASP A 60 -6.95 -19.49 -47.90
N LYS A 61 -6.79 -18.18 -48.14
CA LYS A 61 -7.57 -17.15 -47.47
C LYS A 61 -8.55 -16.45 -48.42
N LYS A 62 -9.05 -17.16 -49.43
CA LYS A 62 -9.80 -16.50 -50.49
C LYS A 62 -11.22 -16.16 -50.06
N GLU A 63 -11.87 -17.05 -49.29
CA GLU A 63 -13.28 -16.89 -48.96
C GLU A 63 -13.42 -15.91 -47.80
N CYS A 64 -14.17 -14.82 -48.02
CA CYS A 64 -14.13 -13.70 -47.09
C CYS A 64 -15.16 -13.82 -45.97
N CYS A 65 -15.92 -14.93 -45.92
CA CYS A 65 -16.88 -15.08 -44.84
C CYS A 65 -16.21 -15.38 -43.51
N LYS A 66 -15.14 -16.18 -43.53
CA LYS A 66 -14.39 -16.51 -42.32
C LYS A 66 -13.32 -15.49 -42.01
N TRP A 67 -13.00 -14.64 -42.97
CA TRP A 67 -12.22 -13.42 -42.79
C TRP A 67 -12.67 -12.71 -41.52
N LYS A 68 -11.73 -12.52 -40.60
CA LYS A 68 -12.04 -12.05 -39.25
C LYS A 68 -12.58 -10.63 -39.28
N GLY A 69 -13.64 -10.38 -38.52
CA GLY A 69 -14.26 -9.08 -38.48
C GLY A 69 -15.22 -8.80 -39.62
N ILE A 70 -15.48 -9.78 -40.47
CA ILE A 70 -16.33 -9.60 -41.65
C ILE A 70 -17.45 -10.62 -41.60
N GLU A 71 -18.67 -10.17 -41.83
CA GLU A 71 -19.82 -11.05 -41.97
C GLU A 71 -20.52 -10.75 -43.28
N CYS A 72 -21.14 -11.79 -43.85
CA CYS A 72 -21.71 -11.68 -45.18
C CYS A 72 -23.07 -12.36 -45.22
N ASN A 73 -23.91 -11.90 -46.14
CA ASN A 73 -25.22 -12.50 -46.36
C ASN A 73 -25.06 -13.86 -47.01
N LYS A 74 -25.90 -14.81 -46.59
CA LYS A 74 -25.77 -16.18 -47.07
C LYS A 74 -26.28 -16.32 -48.51
N THR A 75 -27.38 -15.64 -48.84
CA THR A 75 -27.93 -15.76 -50.18
C THR A 75 -27.01 -15.13 -51.22
N THR A 76 -26.30 -14.08 -50.84
CA THR A 76 -25.31 -13.43 -51.70
C THR A 76 -24.24 -12.80 -50.84
N GLY A 77 -22.99 -12.98 -51.23
CA GLY A 77 -21.85 -12.67 -50.41
C GLY A 77 -21.56 -11.20 -50.16
N HIS A 78 -22.53 -10.31 -50.37
CA HIS A 78 -22.31 -8.90 -50.09
C HIS A 78 -21.97 -8.71 -48.62
N VAL A 79 -20.93 -7.92 -48.36
CA VAL A 79 -20.48 -7.72 -46.98
C VAL A 79 -21.52 -6.92 -46.22
N ILE A 80 -21.81 -7.36 -44.99
CA ILE A 80 -22.79 -6.71 -44.13
C ILE A 80 -22.13 -6.06 -42.93
N VAL A 81 -21.41 -6.83 -42.13
CA VAL A 81 -20.82 -6.34 -40.88
C VAL A 81 -19.31 -6.27 -41.03
N LEU A 82 -18.75 -5.11 -40.74
CA LEU A 82 -17.31 -4.86 -40.78
C LEU A 82 -16.91 -4.22 -39.45
N ASP A 83 -16.61 -5.07 -38.46
CA ASP A 83 -16.37 -4.60 -37.10
C ASP A 83 -14.92 -4.82 -36.68
N LEU A 84 -14.08 -3.84 -37.04
CA LEU A 84 -12.68 -3.85 -36.62
C LEU A 84 -12.50 -3.08 -35.31
N HIS A 85 -13.16 -3.57 -34.27
CA HIS A 85 -13.06 -2.93 -32.97
C HIS A 85 -12.01 -3.62 -32.11
N ASN A 86 -11.68 -2.98 -30.99
CA ASN A 86 -10.74 -3.54 -30.04
C ASN A 86 -11.27 -3.24 -28.63
N ALA A 87 -10.47 -3.58 -27.63
CA ALA A 87 -10.89 -3.39 -26.25
C ALA A 87 -9.68 -3.03 -25.41
N PHE A 88 -9.96 -2.43 -24.26
CA PHE A 88 -8.93 -2.03 -23.30
C PHE A 88 -8.65 -3.20 -22.37
N THR A 89 -7.40 -3.66 -22.34
CA THR A 89 -6.96 -4.67 -21.40
C THR A 89 -5.98 -4.04 -20.40
N CYS A 90 -6.32 -4.15 -19.12
CA CYS A 90 -5.51 -3.53 -18.07
C CYS A 90 -4.81 -4.58 -17.23
N CYS A 95 -5.09 3.22 -19.95
CA CYS A 95 -4.77 1.81 -20.13
C CYS A 95 -4.18 1.57 -21.52
N PHE A 96 -4.17 0.31 -21.95
CA PHE A 96 -3.59 -0.07 -23.23
C PHE A 96 -4.66 -0.67 -24.13
N ALA A 97 -4.67 -0.24 -25.39
CA ALA A 97 -5.59 -0.77 -26.39
C ALA A 97 -4.83 -1.12 -27.67
N PRO A 98 -5.04 -2.31 -28.21
CA PRO A 98 -4.36 -2.71 -29.46
C PRO A 98 -4.91 -1.96 -30.67
N ARG A 99 -4.51 -0.70 -30.78
CA ARG A 99 -5.09 0.21 -31.77
C ARG A 99 -4.40 0.06 -33.12
N LEU A 100 -5.18 0.17 -34.19
CA LEU A 100 -4.65 0.25 -35.54
C LEU A 100 -4.21 1.67 -35.83
N THR A 101 -3.32 1.83 -36.81
CA THR A 101 -2.88 3.14 -37.28
C THR A 101 -2.63 3.09 -38.79
N GLY A 102 -3.58 3.64 -39.54
CA GLY A 102 -3.48 3.66 -40.98
C GLY A 102 -4.17 4.85 -41.61
N LYS A 103 -4.92 4.60 -42.69
CA LYS A 103 -5.69 5.63 -43.36
C LYS A 103 -6.87 4.97 -44.06
N LEU A 104 -8.06 5.55 -43.88
CA LEU A 104 -9.27 5.03 -44.50
C LEU A 104 -9.24 5.32 -46.00
N SER A 105 -8.90 4.30 -46.78
CA SER A 105 -8.99 4.41 -48.23
C SER A 105 -10.46 4.49 -48.63
N PRO A 106 -10.80 5.25 -49.67
CA PRO A 106 -12.19 5.35 -50.12
C PRO A 106 -12.70 4.14 -50.86
N SER A 107 -11.97 3.02 -50.86
CA SER A 107 -12.41 1.83 -51.56
C SER A 107 -13.61 1.17 -50.90
N LEU A 108 -13.86 1.46 -49.62
CA LEU A 108 -14.97 0.83 -48.91
C LEU A 108 -16.31 1.11 -49.57
N LEU A 109 -16.42 2.17 -50.36
CA LEU A 109 -17.67 2.46 -51.05
C LEU A 109 -18.07 1.36 -52.02
N GLU A 110 -17.13 0.51 -52.42
CA GLU A 110 -17.46 -0.58 -53.33
C GLU A 110 -18.34 -1.62 -52.65
N LEU A 111 -18.39 -1.62 -51.32
CA LEU A 111 -19.17 -2.62 -50.59
C LEU A 111 -20.65 -2.54 -50.97
N GLU A 112 -21.21 -1.33 -50.98
CA GLU A 112 -22.47 -1.01 -51.64
C GLU A 112 -23.68 -1.61 -50.91
N TYR A 113 -23.46 -2.46 -49.92
CA TYR A 113 -24.58 -3.10 -49.25
C TYR A 113 -24.46 -3.20 -47.73
N LEU A 114 -23.37 -2.75 -47.13
CA LEU A 114 -23.18 -2.98 -45.71
C LEU A 114 -24.08 -2.08 -44.87
N ASN A 115 -24.50 -2.59 -43.72
CA ASN A 115 -25.31 -1.85 -42.77
C ASN A 115 -24.73 -1.97 -41.37
N PHE A 116 -23.40 -2.05 -41.27
CA PHE A 116 -22.72 -2.14 -39.99
C PHE A 116 -21.25 -1.77 -40.14
N LEU A 117 -20.82 -0.69 -39.49
CA LEU A 117 -19.45 -0.20 -39.62
C LEU A 117 -18.97 0.22 -38.23
N ASP A 118 -18.17 -0.64 -37.60
CA ASP A 118 -17.73 -0.45 -36.23
C ASP A 118 -16.23 -0.23 -36.21
N LEU A 119 -15.81 0.97 -35.85
CA LEU A 119 -14.40 1.34 -35.65
C LEU A 119 -14.35 1.94 -34.25
N SER A 120 -14.21 1.08 -33.24
CA SER A 120 -14.62 1.45 -31.90
C SER A 120 -13.53 2.12 -31.07
N VAL A 121 -12.30 1.62 -31.08
CA VAL A 121 -11.24 2.23 -30.28
C VAL A 121 -9.95 2.42 -31.06
N ASN A 122 -9.93 2.12 -32.35
CA ASN A 122 -8.78 2.32 -33.20
C ASN A 122 -8.35 3.80 -33.21
N GLU A 123 -7.09 4.03 -33.61
CA GLU A 123 -6.56 5.39 -33.80
C GLU A 123 -5.97 5.50 -35.20
N PHE A 124 -6.83 5.85 -36.16
CA PHE A 124 -6.38 6.09 -37.51
C PHE A 124 -5.77 7.49 -37.62
N GLU A 125 -5.55 7.93 -38.86
CA GLU A 125 -5.02 9.26 -39.09
C GLU A 125 -5.87 10.29 -38.35
N ARG A 126 -5.23 10.98 -37.40
CA ARG A 126 -5.93 11.89 -36.49
C ARG A 126 -6.36 13.13 -37.26
N SER A 127 -7.39 12.94 -38.09
CA SER A 127 -7.89 13.99 -38.95
C SER A 127 -9.42 13.95 -38.93
N GLU A 128 -10.03 14.69 -39.86
CA GLU A 128 -11.47 14.79 -39.89
C GLU A 128 -12.10 13.46 -40.30
N ILE A 129 -13.37 13.29 -39.95
CA ILE A 129 -14.10 12.08 -40.33
C ILE A 129 -14.19 12.04 -41.85
N PRO A 130 -13.95 10.88 -42.49
CA PRO A 130 -14.03 10.81 -43.95
C PRO A 130 -15.40 11.23 -44.45
N ARG A 131 -15.41 11.91 -45.59
CA ARG A 131 -16.63 12.46 -46.16
C ARG A 131 -17.35 11.48 -47.07
N PHE A 132 -16.80 10.30 -47.31
CA PHE A 132 -17.48 9.31 -48.14
C PHE A 132 -18.38 8.39 -47.35
N ILE A 133 -18.33 8.45 -46.02
CA ILE A 133 -19.20 7.61 -45.19
C ILE A 133 -20.67 7.95 -45.42
N CYS A 134 -20.95 9.17 -45.89
CA CYS A 134 -22.32 9.59 -46.13
C CYS A 134 -22.97 8.85 -47.30
N SER A 135 -22.18 8.25 -48.17
CA SER A 135 -22.67 7.66 -49.40
C SER A 135 -22.75 6.14 -49.33
N PHE A 136 -23.13 5.61 -48.17
CA PHE A 136 -23.31 4.17 -48.02
C PHE A 136 -24.74 3.71 -48.30
N LYS A 137 -25.72 4.58 -48.05
CA LYS A 137 -27.09 4.41 -48.52
C LYS A 137 -27.82 3.25 -47.85
N ARG A 138 -27.13 2.48 -47.01
CA ARG A 138 -27.78 1.37 -46.31
C ARG A 138 -27.34 1.21 -44.87
N LEU A 139 -26.49 2.10 -44.34
CA LEU A 139 -25.97 1.93 -42.99
C LEU A 139 -27.08 2.04 -41.96
N GLU A 140 -27.04 1.14 -40.98
CA GLU A 140 -27.91 1.18 -39.82
C GLU A 140 -27.14 1.20 -38.51
N TYR A 141 -25.81 1.21 -38.56
CA TYR A 141 -24.99 1.19 -37.35
C TYR A 141 -23.65 1.80 -37.68
N LEU A 142 -23.31 2.91 -37.01
CA LEU A 142 -22.02 3.56 -37.16
C LEU A 142 -21.47 3.85 -35.78
N ASN A 143 -20.36 3.21 -35.43
CA ASN A 143 -19.71 3.41 -34.13
C ASN A 143 -18.27 3.83 -34.39
N LEU A 144 -18.07 5.14 -34.54
CA LEU A 144 -16.74 5.73 -34.69
C LEU A 144 -16.22 6.30 -33.39
N SER A 145 -16.66 5.75 -32.26
CA SER A 145 -16.36 6.31 -30.95
C SER A 145 -14.91 6.06 -30.56
N SER A 146 -14.53 6.62 -29.42
CA SER A 146 -13.30 6.29 -28.69
C SER A 146 -12.06 6.31 -29.58
N SER A 147 -12.13 6.97 -30.73
CA SER A 147 -10.98 7.17 -31.58
C SER A 147 -10.41 8.57 -31.34
N PHE A 148 -9.45 8.95 -32.16
CA PHE A 148 -8.89 10.29 -32.11
C PHE A 148 -9.29 11.13 -33.32
N PHE A 149 -10.50 10.91 -33.84
CA PHE A 149 -11.04 11.76 -34.89
C PHE A 149 -11.13 13.20 -34.40
N SER A 150 -10.76 14.13 -35.28
CA SER A 150 -10.77 15.54 -34.93
C SER A 150 -11.56 16.31 -35.98
N GLY A 151 -11.61 17.62 -35.81
CA GLY A 151 -12.29 18.47 -36.76
C GLY A 151 -13.80 18.48 -36.57
N LEU A 152 -14.47 19.07 -37.55
CA LEU A 152 -15.92 19.19 -37.53
C LEU A 152 -16.57 17.94 -38.13
N ILE A 153 -17.87 17.81 -37.90
CA ILE A 153 -18.66 16.76 -38.53
C ILE A 153 -18.99 17.20 -39.96
N PRO A 154 -18.70 16.37 -40.97
CA PRO A 154 -19.05 16.75 -42.34
C PRO A 154 -20.55 16.97 -42.49
N THR A 155 -20.90 18.01 -43.25
CA THR A 155 -22.30 18.37 -43.44
C THR A 155 -23.04 17.38 -44.32
N GLN A 156 -22.35 16.44 -44.95
CA GLN A 156 -22.98 15.48 -45.85
C GLN A 156 -23.65 14.33 -45.13
N PHE A 157 -23.49 14.22 -43.80
CA PHE A 157 -24.13 13.16 -43.04
C PHE A 157 -25.65 13.26 -43.14
N LYS A 158 -26.17 14.33 -43.72
CA LYS A 158 -27.58 14.44 -43.98
C LYS A 158 -28.08 13.39 -44.97
N ASN A 159 -27.18 12.75 -45.71
CA ASN A 159 -27.56 11.67 -46.61
C ASN A 159 -27.68 10.32 -45.90
N LEU A 160 -27.28 10.23 -44.63
CA LEU A 160 -27.38 8.97 -43.87
C LEU A 160 -28.75 8.87 -43.21
N THR A 161 -29.78 8.89 -44.04
CA THR A 161 -31.15 8.91 -43.54
C THR A 161 -31.60 7.59 -42.95
N SER A 162 -30.83 6.51 -43.14
CA SER A 162 -31.25 5.19 -42.71
C SER A 162 -30.54 4.71 -41.46
N LEU A 163 -29.77 5.57 -40.78
CA LEU A 163 -29.10 5.16 -39.57
C LEU A 163 -30.10 4.89 -38.45
N ARG A 164 -29.75 3.95 -37.59
CA ARG A 164 -30.50 3.68 -36.36
C ARG A 164 -29.68 3.88 -35.11
N ILE A 165 -28.38 3.58 -35.13
CA ILE A 165 -27.49 3.76 -34.00
C ILE A 165 -26.28 4.54 -34.48
N LEU A 166 -26.02 5.69 -33.86
CA LEU A 166 -24.87 6.52 -34.17
C LEU A 166 -24.10 6.77 -32.89
N ASP A 167 -22.79 6.54 -32.94
CA ASP A 167 -21.93 6.70 -31.77
C ASP A 167 -20.63 7.35 -32.22
N LEU A 168 -20.56 8.68 -32.15
CA LEU A 168 -19.36 9.43 -32.44
C LEU A 168 -18.72 10.00 -31.18
N GLY A 169 -19.02 9.41 -30.03
CA GLY A 169 -18.61 10.00 -28.78
C GLY A 169 -17.15 9.74 -28.43
N TYR A 170 -16.66 10.55 -27.50
CA TYR A 170 -15.30 10.43 -26.96
C TYR A 170 -14.24 10.49 -28.07
N ASN A 171 -14.51 11.32 -29.07
CA ASN A 171 -13.53 11.73 -30.06
C ASN A 171 -13.07 13.14 -29.74
N ASN A 172 -12.30 13.74 -30.64
CA ASN A 172 -11.91 15.14 -30.51
C ASN A 172 -12.73 16.05 -31.41
N LEU A 173 -13.92 15.62 -31.79
CA LEU A 173 -14.75 16.39 -32.72
C LEU A 173 -15.25 17.66 -32.06
N ILE A 174 -15.39 18.71 -32.88
CA ILE A 174 -15.93 20.00 -32.46
C ILE A 174 -17.23 20.23 -33.21
N VAL A 175 -18.32 20.43 -32.46
CA VAL A 175 -19.64 20.60 -33.03
C VAL A 175 -20.14 21.99 -32.69
N LYS A 176 -20.62 22.71 -33.71
CA LYS A 176 -21.19 24.03 -33.52
C LYS A 176 -22.55 24.19 -34.18
N ASP A 177 -22.97 23.22 -34.98
CA ASP A 177 -24.27 23.25 -35.62
C ASP A 177 -24.85 21.84 -35.63
N LEU A 178 -26.17 21.75 -35.65
CA LEU A 178 -26.85 20.45 -35.65
C LEU A 178 -27.99 20.43 -36.66
N THR A 179 -27.83 21.16 -37.77
CA THR A 179 -28.90 21.18 -38.78
C THR A 179 -28.97 19.88 -39.55
N TRP A 180 -27.88 19.11 -39.62
CA TRP A 180 -27.91 17.84 -40.33
C TRP A 180 -28.75 16.81 -39.59
N LEU A 181 -28.85 16.94 -38.26
CA LEU A 181 -29.55 15.93 -37.46
C LEU A 181 -31.03 15.85 -37.82
N SER A 182 -31.59 16.91 -38.40
CA SER A 182 -33.03 16.92 -38.70
C SER A 182 -33.39 15.86 -39.72
N HIS A 183 -32.57 15.68 -40.76
CA HIS A 183 -32.89 14.73 -41.81
C HIS A 183 -32.80 13.29 -41.34
N LEU A 184 -31.92 13.01 -40.38
CA LEU A 184 -31.74 11.65 -39.88
C LEU A 184 -32.89 11.26 -38.98
N SER A 185 -34.05 10.95 -39.58
CA SER A 185 -35.29 10.74 -38.84
C SER A 185 -35.56 9.28 -38.53
N SER A 186 -34.52 8.48 -38.33
CA SER A 186 -34.75 7.08 -37.99
C SER A 186 -33.80 6.57 -36.90
N LEU A 187 -33.22 7.46 -36.11
CA LEU A 187 -32.32 7.05 -35.05
C LEU A 187 -33.08 6.61 -33.81
N GLU A 188 -32.47 5.68 -33.08
CA GLU A 188 -32.92 5.29 -31.76
C GLU A 188 -31.84 5.48 -30.70
N LEU A 189 -30.67 5.98 -31.08
CA LEU A 189 -29.58 6.18 -30.13
C LEU A 189 -28.63 7.21 -30.72
N LEU A 190 -28.17 8.13 -29.88
CA LEU A 190 -27.28 9.20 -30.31
C LEU A 190 -26.28 9.47 -29.21
N SER A 191 -24.99 9.42 -29.54
CA SER A 191 -23.92 9.61 -28.56
C SER A 191 -22.91 10.58 -29.16
N LEU A 192 -22.88 11.80 -28.66
CA LEU A 192 -21.97 12.84 -29.12
C LEU A 192 -21.03 13.26 -28.01
N GLY A 193 -20.64 12.31 -27.17
CA GLY A 193 -19.86 12.63 -26.00
C GLY A 193 -18.45 13.08 -26.33
N GLY A 194 -17.83 13.78 -25.38
CA GLY A 194 -16.47 14.24 -25.54
C GLY A 194 -16.29 15.37 -26.52
N SER A 195 -17.37 15.95 -27.02
CA SER A 195 -17.30 17.01 -28.00
C SER A 195 -17.17 18.36 -27.32
N ASP A 196 -16.72 19.35 -28.09
CA ASP A 196 -16.72 20.74 -27.63
C ASP A 196 -18.08 21.36 -27.96
N PHE A 197 -19.08 20.90 -27.21
CA PHE A 197 -20.46 21.21 -27.53
C PHE A 197 -20.74 22.70 -27.35
N GLN A 198 -21.30 23.31 -28.39
CA GLN A 198 -21.66 24.73 -28.34
C GLN A 198 -23.00 25.01 -29.01
N VAL A 199 -23.79 24.00 -29.33
CA VAL A 199 -25.09 24.20 -29.96
C VAL A 199 -26.06 24.65 -28.88
N LYS A 200 -26.50 25.91 -28.97
CA LYS A 200 -27.37 26.47 -27.93
C LYS A 200 -28.77 25.87 -27.97
N ASN A 201 -29.36 25.77 -29.16
CA ASN A 201 -30.72 25.26 -29.30
C ASN A 201 -30.71 23.77 -29.63
N TRP A 202 -30.04 23.00 -28.76
CA TRP A 202 -29.93 21.56 -29.00
C TRP A 202 -31.22 20.82 -28.70
N PHE A 203 -32.01 21.32 -27.75
CA PHE A 203 -33.28 20.65 -27.43
C PHE A 203 -34.23 20.66 -28.63
N GLN A 204 -34.32 21.80 -29.32
CA GLN A 204 -35.21 21.88 -30.47
C GLN A 204 -34.80 20.91 -31.57
N GLU A 205 -33.50 20.80 -31.83
CA GLU A 205 -33.04 19.88 -32.87
C GLU A 205 -33.24 18.43 -32.47
N ILE A 206 -32.90 18.09 -31.22
CA ILE A 206 -33.01 16.70 -30.78
C ILE A 206 -34.47 16.25 -30.76
N THR A 207 -35.38 17.13 -30.33
CA THR A 207 -36.77 16.75 -30.23
C THR A 207 -37.40 16.48 -31.59
N LYS A 208 -36.76 16.89 -32.68
CA LYS A 208 -37.20 16.56 -34.04
C LYS A 208 -36.91 15.11 -34.41
N LEU A 209 -36.47 14.29 -33.45
CA LEU A 209 -36.13 12.89 -33.69
C LEU A 209 -37.19 12.04 -33.00
N PRO A 210 -38.30 11.74 -33.68
CA PRO A 210 -39.43 11.07 -33.00
C PRO A 210 -39.09 9.71 -32.44
N LEU A 211 -38.23 8.94 -33.09
CA LEU A 211 -37.95 7.57 -32.67
C LEU A 211 -36.77 7.46 -31.72
N LEU A 212 -36.19 8.58 -31.30
CA LEU A 212 -35.05 8.53 -30.40
C LEU A 212 -35.46 7.97 -29.04
N LYS A 213 -34.60 7.11 -28.48
CA LYS A 213 -34.84 6.52 -27.18
C LYS A 213 -33.64 6.59 -26.23
N GLU A 214 -32.42 6.72 -26.74
CA GLU A 214 -31.24 6.81 -25.91
C GLU A 214 -30.41 8.01 -26.35
N LEU A 215 -29.93 8.79 -25.38
CA LEU A 215 -29.18 10.01 -25.66
C LEU A 215 -28.00 10.08 -24.72
N ASP A 216 -26.80 10.13 -25.28
CA ASP A 216 -25.56 10.23 -24.51
C ASP A 216 -24.91 11.57 -24.85
N LEU A 217 -25.01 12.51 -23.92
CA LEU A 217 -24.37 13.82 -24.03
C LEU A 217 -23.33 14.01 -22.94
N SER A 218 -22.58 12.95 -22.64
CA SER A 218 -21.60 13.01 -21.57
C SER A 218 -20.39 13.85 -21.97
N LEU A 219 -19.88 14.62 -21.01
CA LEU A 219 -18.69 15.45 -21.20
C LEU A 219 -18.83 16.36 -22.42
N CYS A 220 -19.90 17.15 -22.41
CA CYS A 220 -20.22 18.05 -23.51
C CYS A 220 -20.66 19.40 -22.98
N GLY A 221 -20.03 19.86 -21.91
CA GLY A 221 -20.47 21.10 -21.29
C GLY A 221 -21.89 20.95 -20.78
N LEU A 222 -22.83 21.55 -21.49
CA LEU A 222 -24.27 21.33 -21.30
C LEU A 222 -24.77 21.96 -20.01
N SER A 223 -23.85 22.48 -19.20
CA SER A 223 -24.25 23.27 -18.04
C SER A 223 -24.47 24.72 -18.42
N LYS A 224 -23.79 25.18 -19.46
CA LYS A 224 -23.99 26.52 -20.00
C LYS A 224 -25.06 26.56 -21.07
N LEU A 225 -25.71 25.43 -21.35
CA LEU A 225 -26.74 25.32 -22.37
C LEU A 225 -27.98 24.74 -21.70
N VAL A 226 -28.79 25.60 -21.10
CA VAL A 226 -30.00 25.20 -20.40
C VAL A 226 -31.20 25.71 -21.20
N PRO A 227 -32.01 24.83 -21.78
CA PRO A 227 -33.17 25.29 -22.56
C PRO A 227 -34.16 26.06 -21.69
N SER A 228 -34.67 27.16 -22.24
CA SER A 228 -35.66 27.96 -21.56
C SER A 228 -37.02 27.25 -21.59
N PRO A 229 -37.93 27.60 -20.67
CA PRO A 229 -39.26 26.98 -20.71
C PRO A 229 -39.99 27.20 -22.02
N ALA A 230 -39.76 28.33 -22.68
CA ALA A 230 -40.36 28.54 -24.00
C ALA A 230 -39.85 27.53 -25.01
N GLU A 231 -38.55 27.24 -24.97
CA GLU A 231 -37.98 26.23 -25.86
C GLU A 231 -38.58 24.86 -25.57
N ILE A 232 -38.74 24.52 -24.29
CA ILE A 232 -39.32 23.24 -23.92
C ILE A 232 -40.76 23.14 -24.41
N ALA A 233 -41.53 24.21 -24.23
CA ALA A 233 -42.90 24.23 -24.77
C ALA A 233 -42.89 24.14 -26.28
N ASN A 234 -41.97 24.84 -26.94
CA ASN A 234 -41.83 24.76 -28.39
C ASN A 234 -41.00 23.54 -28.77
N SER A 235 -41.45 22.35 -28.35
CA SER A 235 -40.77 21.11 -28.67
C SER A 235 -41.81 20.02 -28.90
N SER A 236 -41.42 19.01 -29.67
CA SER A 236 -42.31 17.90 -29.98
C SER A 236 -42.36 16.93 -28.80
N LEU A 237 -43.01 15.79 -29.00
CA LEU A 237 -43.14 14.77 -27.96
C LEU A 237 -42.24 13.60 -28.30
N ILE A 238 -41.22 13.38 -27.47
CA ILE A 238 -40.27 12.28 -27.62
C ILE A 238 -40.16 11.54 -26.30
N SER A 239 -40.19 10.21 -26.37
CA SER A 239 -40.14 9.37 -25.17
C SER A 239 -38.73 8.80 -25.03
N LEU A 240 -37.86 9.60 -24.42
CA LEU A 240 -36.47 9.20 -24.22
C LEU A 240 -36.36 8.35 -22.95
N SER A 241 -35.99 7.08 -23.12
CA SER A 241 -35.93 6.13 -22.01
C SER A 241 -34.59 6.10 -21.29
N VAL A 242 -33.48 6.27 -22.01
CA VAL A 242 -32.15 6.18 -21.42
C VAL A 242 -31.41 7.49 -21.70
N LEU A 243 -30.78 8.03 -20.67
CA LEU A 243 -30.01 9.27 -20.77
C LEU A 243 -28.66 9.10 -20.11
N HIS A 244 -27.60 9.54 -20.77
CA HIS A 244 -26.25 9.58 -20.23
C HIS A 244 -25.82 11.05 -20.18
N LEU A 245 -25.81 11.63 -18.98
CA LEU A 245 -25.54 13.05 -18.81
C LEU A 245 -24.48 13.26 -17.75
N CYS A 246 -23.40 12.50 -17.83
CA CYS A 246 -22.33 12.59 -16.85
C CYS A 246 -21.24 13.54 -17.32
N CYS A 247 -20.35 13.91 -16.38
CA CYS A 247 -19.21 14.78 -16.65
C CYS A 247 -19.64 16.14 -17.19
N ASN A 248 -20.82 16.60 -16.79
CA ASN A 248 -21.29 17.95 -17.08
C ASN A 248 -21.40 18.71 -15.75
N GLU A 249 -20.85 19.92 -15.71
CA GLU A 249 -20.73 20.67 -14.47
C GLU A 249 -22.07 21.31 -14.12
N PHE A 250 -23.06 20.45 -13.86
CA PHE A 250 -24.41 20.93 -13.57
C PHE A 250 -24.46 21.64 -12.22
N SER A 251 -24.17 20.92 -11.14
CA SER A 251 -24.00 21.47 -9.80
C SER A 251 -25.26 22.13 -9.26
N SER A 252 -26.41 21.89 -9.87
CA SER A 252 -27.65 22.47 -9.38
C SER A 252 -28.82 21.68 -9.93
N SER A 253 -29.96 21.79 -9.25
CA SER A 253 -31.17 21.09 -9.67
C SER A 253 -31.83 21.77 -10.86
N ALA A 254 -31.69 23.09 -10.99
CA ALA A 254 -32.39 23.82 -12.04
C ALA A 254 -31.77 23.60 -13.42
N LYS A 255 -30.52 23.15 -13.47
CA LYS A 255 -29.85 22.98 -14.76
C LYS A 255 -30.31 21.72 -15.49
N TYR A 256 -30.63 20.65 -14.77
CA TYR A 256 -31.05 19.40 -15.40
C TYR A 256 -32.54 19.13 -15.24
N SER A 257 -33.34 20.16 -14.95
CA SER A 257 -34.75 19.95 -14.68
C SER A 257 -35.48 19.36 -15.87
N TRP A 258 -35.04 19.66 -17.09
CA TRP A 258 -35.77 19.27 -18.29
C TRP A 258 -35.99 17.76 -18.39
N LEU A 259 -35.05 16.95 -17.90
CA LEU A 259 -35.21 15.51 -17.98
C LEU A 259 -36.46 15.03 -17.26
N PHE A 260 -36.89 15.75 -16.22
CA PHE A 260 -38.07 15.38 -15.47
C PHE A 260 -39.36 15.57 -16.26
N ASN A 261 -39.32 16.19 -17.44
CA ASN A 261 -40.49 16.18 -18.29
C ASN A 261 -40.31 15.26 -19.49
N PHE A 262 -39.47 14.23 -19.36
CA PHE A 262 -39.63 12.98 -20.09
C PHE A 262 -40.07 11.86 -19.16
N SER A 263 -40.82 12.21 -18.11
CA SER A 263 -41.08 11.30 -17.00
C SER A 263 -41.93 10.10 -17.38
N THR A 264 -42.75 10.20 -18.42
CA THR A 264 -43.65 9.09 -18.75
C THR A 264 -42.90 7.85 -19.20
N SER A 265 -41.65 7.99 -19.65
CA SER A 265 -40.86 6.83 -20.09
C SER A 265 -39.38 7.15 -19.86
N LEU A 266 -38.86 6.66 -18.74
CA LEU A 266 -37.44 6.74 -18.43
C LEU A 266 -37.02 5.44 -17.76
N THR A 267 -35.88 4.92 -18.17
CA THR A 267 -35.37 3.65 -17.63
C THR A 267 -34.04 3.81 -16.92
N SER A 268 -33.07 4.44 -17.55
CA SER A 268 -31.75 4.63 -16.98
C SER A 268 -31.36 6.09 -17.05
N ILE A 269 -30.76 6.59 -15.98
CA ILE A 269 -30.33 7.99 -15.88
C ILE A 269 -28.97 8.00 -15.21
N ASP A 270 -27.92 8.31 -15.97
CA ASP A 270 -26.57 8.42 -15.44
C ASP A 270 -26.24 9.89 -15.27
N LEU A 271 -25.98 10.30 -14.03
CA LEU A 271 -25.65 11.68 -13.69
C LEU A 271 -24.44 11.71 -12.77
N SER A 272 -23.39 11.00 -13.15
CA SER A 272 -22.21 10.89 -12.32
C SER A 272 -21.23 12.04 -12.59
N ASN A 273 -20.52 12.45 -11.54
CA ASN A 273 -19.43 13.43 -11.65
C ASN A 273 -19.94 14.78 -12.17
N ASN A 274 -21.10 15.20 -11.70
CA ASN A 274 -21.64 16.52 -12.04
C ASN A 274 -21.44 17.55 -10.94
N GLN A 275 -20.78 17.19 -9.84
CA GLN A 275 -20.57 18.08 -8.71
C GLN A 275 -21.88 18.64 -8.19
N LEU A 276 -22.90 17.79 -8.10
CA LEU A 276 -24.20 18.21 -7.60
C LEU A 276 -24.11 18.55 -6.12
N ASP A 277 -24.88 19.56 -5.71
CA ASP A 277 -24.90 20.02 -4.34
C ASP A 277 -26.33 20.17 -3.89
N GLY A 278 -26.61 19.74 -2.66
CA GLY A 278 -27.94 19.82 -2.10
C GLY A 278 -28.71 18.51 -2.24
N GLN A 279 -29.94 18.55 -1.75
CA GLN A 279 -30.80 17.38 -1.76
C GLN A 279 -31.10 16.95 -3.20
N ILE A 280 -31.13 15.63 -3.41
CA ILE A 280 -31.56 15.11 -4.70
C ILE A 280 -33.01 15.50 -4.92
N ASP A 281 -33.36 15.74 -6.19
CA ASP A 281 -34.68 16.28 -6.50
C ASP A 281 -35.77 15.30 -6.09
N ASP A 282 -36.80 15.84 -5.42
CA ASP A 282 -37.92 15.03 -5.00
C ASP A 282 -38.69 14.43 -6.19
N ARG A 283 -38.53 15.00 -7.37
CA ARG A 283 -39.23 14.51 -8.55
C ARG A 283 -38.65 13.23 -9.11
N PHE A 284 -37.48 12.80 -8.62
CA PHE A 284 -36.98 11.49 -9.02
C PHE A 284 -37.89 10.38 -8.50
N GLY A 285 -38.61 10.64 -7.41
CA GLY A 285 -39.74 9.81 -7.06
C GLY A 285 -40.94 10.10 -7.95
N ASN A 286 -41.88 9.16 -7.97
CA ASN A 286 -43.00 9.16 -8.91
C ASN A 286 -42.52 9.07 -10.35
N LEU A 287 -41.23 8.79 -10.57
CA LEU A 287 -40.66 8.57 -11.89
C LEU A 287 -40.66 7.07 -12.14
N MET A 288 -41.81 6.56 -12.54
CA MET A 288 -41.98 5.13 -12.73
C MET A 288 -41.13 4.65 -13.90
N TYR A 289 -40.98 3.33 -13.97
CA TYR A 289 -40.22 2.63 -15.01
C TYR A 289 -38.72 2.85 -14.90
N LEU A 290 -38.25 3.52 -13.85
CA LEU A 290 -36.83 3.74 -13.66
C LEU A 290 -36.18 2.47 -13.13
N GLU A 291 -35.05 2.09 -13.74
CA GLU A 291 -34.34 0.86 -13.38
C GLU A 291 -32.86 1.09 -13.15
N HIS A 292 -32.39 2.33 -13.16
CA HIS A 292 -30.97 2.62 -13.05
C HIS A 292 -30.76 4.07 -12.65
N LEU A 293 -29.91 4.32 -11.65
CA LEU A 293 -29.66 5.69 -11.20
C LEU A 293 -28.20 5.75 -10.73
N ASN A 294 -27.32 6.17 -11.63
CA ASN A 294 -25.90 6.31 -11.32
C ASN A 294 -25.67 7.74 -10.84
N LEU A 295 -25.49 7.90 -9.54
CA LEU A 295 -25.21 9.20 -8.94
C LEU A 295 -23.88 9.16 -8.23
N ALA A 296 -22.85 8.66 -8.89
CA ALA A 296 -21.55 8.47 -8.28
C ALA A 296 -20.69 9.72 -8.39
N ASN A 297 -19.93 10.00 -7.33
CA ASN A 297 -18.91 11.05 -7.30
C ASN A 297 -19.51 12.44 -7.50
N GLU A 298 -20.43 12.80 -6.62
CA GLU A 298 -20.95 14.16 -6.55
C GLU A 298 -20.16 14.95 -5.51
N LEU A 299 -20.65 16.15 -5.16
CA LEU A 299 -20.00 16.99 -4.17
C LEU A 299 -20.59 16.79 -2.78
N ASN A 300 -21.88 17.05 -2.61
CA ASN A 300 -22.53 16.92 -1.30
C ASN A 300 -24.00 16.62 -1.54
N LEU A 301 -24.37 15.34 -1.45
CA LEU A 301 -25.77 14.93 -1.51
C LEU A 301 -26.32 14.80 -0.10
N LYS A 302 -26.37 15.94 0.59
CA LYS A 302 -26.75 15.97 1.99
C LYS A 302 -28.17 15.43 2.18
N GLY A 303 -28.34 14.56 3.16
CA GLY A 303 -29.63 14.05 3.53
C GLY A 303 -30.05 12.76 2.83
N GLY A 304 -29.41 12.42 1.72
CA GLY A 304 -29.73 11.17 1.06
C GLY A 304 -31.07 11.21 0.36
N ILE A 305 -31.59 10.01 0.11
CA ILE A 305 -32.82 9.85 -0.68
C ILE A 305 -34.00 10.42 0.10
N PRO A 306 -34.96 11.05 -0.58
CA PRO A 306 -36.10 11.62 0.14
C PRO A 306 -37.25 10.64 0.28
N SER A 307 -38.32 11.07 0.95
CA SER A 307 -39.48 10.23 1.18
C SER A 307 -40.22 9.89 -0.11
N SER A 308 -39.93 10.57 -1.21
CA SER A 308 -40.64 10.34 -2.46
C SER A 308 -40.24 9.04 -3.15
N PHE A 309 -39.18 8.37 -2.68
CA PHE A 309 -38.73 7.15 -3.35
C PHE A 309 -39.44 5.90 -2.88
N GLY A 310 -40.48 6.02 -2.07
CA GLY A 310 -41.27 4.86 -1.75
C GLY A 310 -42.24 4.43 -2.83
N ASN A 311 -42.17 5.07 -3.99
CA ASN A 311 -43.10 4.83 -5.08
C ASN A 311 -42.43 4.19 -6.30
N LEU A 312 -41.18 3.76 -6.18
CA LEU A 312 -40.42 3.33 -7.35
C LEU A 312 -40.91 1.99 -7.88
N THR A 313 -40.78 0.94 -7.08
CA THR A 313 -41.25 -0.41 -7.36
C THR A 313 -40.63 -1.04 -8.61
N ARG A 314 -39.63 -0.39 -9.21
CA ARG A 314 -38.98 -0.98 -10.38
C ARG A 314 -37.47 -0.75 -10.40
N LEU A 315 -36.89 -0.32 -9.29
CA LEU A 315 -35.45 -0.04 -9.26
C LEU A 315 -34.65 -1.32 -9.40
N ARG A 316 -33.52 -1.23 -10.11
CA ARG A 316 -32.64 -2.36 -10.31
C ARG A 316 -31.16 -2.05 -10.09
N TYR A 317 -30.79 -0.79 -9.96
CA TYR A 317 -29.39 -0.40 -9.79
C TYR A 317 -29.37 1.02 -9.25
N LEU A 318 -28.75 1.22 -8.09
CA LEU A 318 -28.70 2.54 -7.46
C LEU A 318 -27.30 2.73 -6.89
N ASP A 319 -26.47 3.47 -7.60
CA ASP A 319 -25.10 3.75 -7.20
C ASP A 319 -25.04 5.19 -6.69
N MET A 320 -24.79 5.35 -5.39
CA MET A 320 -24.65 6.65 -4.77
C MET A 320 -23.28 6.77 -4.10
N SER A 321 -22.26 6.24 -4.75
CA SER A 321 -20.92 6.24 -4.19
C SER A 321 -20.32 7.63 -4.17
N ASN A 322 -19.59 7.94 -3.10
CA ASN A 322 -18.81 9.17 -2.98
C ASN A 322 -19.69 10.41 -3.15
N THR A 323 -20.70 10.51 -2.29
CA THR A 323 -21.64 11.62 -2.35
C THR A 323 -21.93 12.27 -1.01
N ARG A 324 -21.40 11.73 0.10
CA ARG A 324 -21.60 12.30 1.43
C ARG A 324 -23.10 12.36 1.78
N THR A 325 -23.70 11.18 1.90
CA THR A 325 -25.15 11.11 2.05
C THR A 325 -25.58 11.47 3.47
N TYR A 326 -25.02 10.80 4.47
CA TYR A 326 -25.41 10.96 5.87
C TYR A 326 -26.90 10.64 6.04
N GLN A 327 -27.22 9.36 5.88
CA GLN A 327 -28.58 8.88 6.07
C GLN A 327 -28.57 7.66 7.00
N TRP A 328 -29.69 7.46 7.68
CA TRP A 328 -29.89 6.29 8.51
C TRP A 328 -30.25 5.09 7.63
N LEU A 329 -29.52 4.00 7.78
CA LEU A 329 -29.68 2.85 6.88
C LEU A 329 -31.06 2.21 6.92
N PRO A 330 -31.65 1.97 8.10
CA PRO A 330 -33.03 1.45 8.11
C PRO A 330 -34.01 2.36 7.40
N GLU A 331 -33.84 3.67 7.56
CA GLU A 331 -34.68 4.62 6.84
C GLU A 331 -34.46 4.51 5.34
N LEU A 332 -33.20 4.31 4.92
CA LEU A 332 -32.91 4.14 3.52
C LEU A 332 -33.60 2.91 2.96
N PHE A 333 -33.61 1.81 3.72
CA PHE A 333 -34.22 0.59 3.21
C PHE A 333 -35.74 0.68 3.22
N VAL A 334 -36.34 1.35 4.20
CA VAL A 334 -37.79 1.50 4.20
C VAL A 334 -38.22 2.46 3.09
N ARG A 335 -37.36 3.42 2.73
CA ARG A 335 -37.66 4.29 1.60
C ARG A 335 -37.48 3.59 0.27
N LEU A 336 -36.74 2.47 0.24
CA LEU A 336 -36.58 1.66 -0.95
C LEU A 336 -37.46 0.41 -0.93
N SER A 337 -38.40 0.34 0.01
CA SER A 337 -39.20 -0.88 0.17
C SER A 337 -40.08 -1.16 -1.04
N GLY A 338 -40.38 -0.16 -1.85
CA GLY A 338 -41.21 -0.39 -3.03
C GLY A 338 -40.55 -1.33 -4.02
N SER A 339 -39.24 -1.14 -4.25
CA SER A 339 -38.49 -1.98 -5.18
C SER A 339 -37.80 -3.13 -4.49
N ARG A 340 -38.42 -3.67 -3.43
CA ARG A 340 -37.80 -4.73 -2.65
C ARG A 340 -37.51 -5.95 -3.51
N LYS A 341 -38.50 -6.42 -4.26
CA LYS A 341 -38.37 -7.62 -5.06
C LYS A 341 -37.73 -7.38 -6.41
N THR A 342 -37.11 -6.23 -6.64
CA THR A 342 -36.56 -5.93 -7.96
C THR A 342 -35.13 -5.44 -7.88
N LEU A 343 -34.75 -4.82 -6.77
CA LEU A 343 -33.42 -4.23 -6.67
C LEU A 343 -32.36 -5.32 -6.72
N GLU A 344 -31.31 -5.09 -7.50
CA GLU A 344 -30.28 -6.08 -7.73
C GLU A 344 -28.92 -5.66 -7.19
N VAL A 345 -28.44 -4.47 -7.56
CA VAL A 345 -27.13 -3.98 -7.15
C VAL A 345 -27.33 -2.64 -6.45
N LEU A 346 -26.72 -2.50 -5.28
CA LEU A 346 -26.81 -1.29 -4.50
C LEU A 346 -25.40 -0.81 -4.16
N GLY A 347 -25.19 0.49 -4.26
CA GLY A 347 -23.89 1.07 -3.97
C GLY A 347 -23.76 1.46 -2.52
N LEU A 348 -23.66 2.76 -2.26
CA LEU A 348 -23.59 3.33 -0.91
C LEU A 348 -22.25 3.00 -0.23
N ASN A 349 -21.16 3.14 -0.97
CA ASN A 349 -19.83 3.06 -0.40
C ASN A 349 -19.11 4.38 -0.54
N ASP A 350 -18.06 4.55 0.28
CA ASP A 350 -17.23 5.76 0.29
C ASP A 350 -18.05 7.01 0.60
N ASN A 351 -19.10 6.86 1.40
CA ASN A 351 -19.89 8.01 1.84
C ASN A 351 -20.39 7.74 3.25
N SER A 352 -20.65 8.82 3.98
CA SER A 352 -20.99 8.72 5.39
C SER A 352 -22.41 8.18 5.55
N MET A 353 -22.53 7.06 6.27
CA MET A 353 -23.82 6.46 6.59
C MET A 353 -23.74 5.84 7.97
N PHE A 354 -24.80 5.99 8.75
CA PHE A 354 -24.82 5.48 10.12
C PHE A 354 -26.04 4.60 10.34
N GLY A 355 -25.94 3.72 11.32
CA GLY A 355 -27.03 2.85 11.71
C GLY A 355 -26.57 1.41 11.76
N SER A 356 -27.53 0.49 11.69
CA SER A 356 -27.28 -0.94 11.72
C SER A 356 -28.00 -1.60 10.55
N LEU A 357 -27.40 -2.67 10.03
CA LEU A 357 -27.98 -3.40 8.92
C LEU A 357 -28.87 -4.50 9.47
N VAL A 358 -30.17 -4.42 9.19
CA VAL A 358 -31.14 -5.35 9.74
C VAL A 358 -32.14 -5.72 8.66
N ASP A 359 -32.49 -7.02 8.61
CA ASP A 359 -33.49 -7.54 7.69
C ASP A 359 -33.13 -7.25 6.23
N VAL A 360 -32.00 -7.83 5.81
CA VAL A 360 -31.57 -7.68 4.43
C VAL A 360 -32.09 -8.84 3.57
N THR A 361 -32.52 -9.94 4.20
CA THR A 361 -32.98 -11.09 3.43
C THR A 361 -34.35 -10.87 2.81
N ARG A 362 -35.10 -9.87 3.27
CA ARG A 362 -36.43 -9.63 2.72
C ARG A 362 -36.40 -9.05 1.31
N PHE A 363 -35.23 -8.65 0.81
CA PHE A 363 -35.16 -8.12 -0.55
C PHE A 363 -35.34 -9.21 -1.59
N SER A 364 -34.74 -10.39 -1.36
CA SER A 364 -34.97 -11.58 -2.17
C SER A 364 -34.52 -11.43 -3.62
N ALA A 365 -33.95 -10.27 -3.96
CA ALA A 365 -33.40 -10.08 -5.30
C ALA A 365 -32.07 -9.36 -5.32
N LEU A 366 -31.60 -8.80 -4.21
CA LEU A 366 -30.35 -8.06 -4.21
C LEU A 366 -29.20 -9.01 -4.44
N LYS A 367 -28.25 -8.61 -5.29
CA LYS A 367 -27.13 -9.45 -5.66
C LYS A 367 -25.79 -8.90 -5.22
N ARG A 368 -25.59 -7.58 -5.27
CA ARG A 368 -24.33 -6.96 -4.88
C ARG A 368 -24.63 -5.81 -3.94
N LEU A 369 -23.91 -5.76 -2.82
CA LEU A 369 -24.07 -4.70 -1.84
C LEU A 369 -22.68 -4.22 -1.40
N TYR A 370 -22.46 -2.90 -1.47
CA TYR A 370 -21.16 -2.29 -1.19
C TYR A 370 -21.35 -1.17 -0.18
N LEU A 371 -21.36 -1.52 1.11
CA LEU A 371 -21.49 -0.53 2.17
C LEU A 371 -20.17 -0.26 2.87
N GLN A 372 -19.07 -0.27 2.13
CA GLN A 372 -17.75 -0.12 2.71
C GLN A 372 -17.42 1.35 2.94
N LYS A 373 -16.49 1.57 3.87
CA LYS A 373 -15.95 2.91 4.17
C LYS A 373 -17.06 3.90 4.53
N ASN A 374 -18.02 3.43 5.31
CA ASN A 374 -19.03 4.30 5.90
C ASN A 374 -18.71 4.52 7.38
N VAL A 375 -19.64 5.14 8.10
CA VAL A 375 -19.45 5.41 9.52
C VAL A 375 -20.49 4.62 10.30
N LEU A 376 -20.85 3.44 9.78
CA LEU A 376 -21.81 2.57 10.45
C LEU A 376 -21.38 2.32 11.89
N ASN A 377 -22.36 2.16 12.78
CA ASN A 377 -22.07 1.95 14.19
C ASN A 377 -23.03 0.97 14.84
N GLY A 378 -23.57 0.03 14.08
CA GLY A 378 -24.60 -0.83 14.63
C GLY A 378 -24.37 -2.32 14.46
N PHE A 379 -25.41 -3.11 14.68
CA PHE A 379 -25.33 -4.56 14.64
C PHE A 379 -25.45 -5.05 13.19
N PHE A 380 -25.48 -6.37 13.03
CA PHE A 380 -25.75 -7.03 11.74
C PHE A 380 -26.59 -8.26 12.09
N MET A 381 -27.91 -8.10 12.06
CA MET A 381 -28.84 -9.11 12.51
C MET A 381 -29.81 -9.43 11.38
N GLU A 382 -30.14 -10.72 11.22
CA GLU A 382 -31.10 -11.11 10.20
C GLU A 382 -32.52 -11.14 10.77
N ARG A 383 -32.76 -11.97 11.78
CA ARG A 383 -33.99 -11.96 12.57
C ARG A 383 -35.21 -12.41 11.77
N PHE A 384 -35.07 -12.58 10.46
CA PHE A 384 -36.24 -12.79 9.61
C PHE A 384 -36.37 -14.25 9.21
N GLY A 385 -35.24 -14.92 8.99
CA GLY A 385 -35.21 -16.35 8.74
C GLY A 385 -35.23 -16.78 7.29
N GLN A 386 -35.63 -15.89 6.38
CA GLN A 386 -35.71 -16.26 4.97
C GLN A 386 -34.32 -16.19 4.31
N VAL A 387 -34.22 -16.84 3.16
CA VAL A 387 -32.95 -16.97 2.45
C VAL A 387 -32.66 -15.69 1.68
N SER A 388 -31.37 -15.40 1.48
CA SER A 388 -30.93 -14.25 0.69
C SER A 388 -30.36 -14.74 -0.64
N SER A 389 -29.89 -13.78 -1.44
CA SER A 389 -29.27 -14.11 -2.71
C SER A 389 -28.00 -13.29 -2.96
N LEU A 390 -27.38 -12.78 -1.90
CA LEU A 390 -26.16 -11.99 -2.05
C LEU A 390 -25.06 -12.81 -2.71
N GLU A 391 -24.36 -12.17 -3.64
CA GLU A 391 -23.16 -12.74 -4.23
C GLU A 391 -21.89 -11.98 -3.89
N TYR A 392 -21.99 -10.67 -3.66
CA TYR A 392 -20.84 -9.86 -3.29
C TYR A 392 -21.27 -8.91 -2.17
N LEU A 393 -20.68 -9.09 -0.99
CA LEU A 393 -20.97 -8.24 0.15
C LEU A 393 -19.67 -7.65 0.69
N ASP A 394 -19.70 -6.38 1.06
CA ASP A 394 -18.51 -5.69 1.54
C ASP A 394 -18.93 -4.66 2.57
N LEU A 395 -18.78 -5.02 3.85
CA LEU A 395 -19.06 -4.11 4.96
C LEU A 395 -17.78 -3.68 5.66
N SER A 396 -16.68 -3.59 4.92
CA SER A 396 -15.38 -3.34 5.52
C SER A 396 -15.15 -1.86 5.77
N ASP A 397 -14.10 -1.58 6.53
CA ASP A 397 -13.61 -0.21 6.78
C ASP A 397 -14.69 0.67 7.38
N ASN A 398 -15.52 0.12 8.27
CA ASN A 398 -16.45 0.89 9.06
C ASN A 398 -16.52 0.25 10.45
N GLN A 399 -17.49 0.65 11.25
CA GLN A 399 -17.66 0.09 12.58
C GLN A 399 -18.93 -0.74 12.65
N MET A 400 -18.82 -1.92 13.25
CA MET A 400 -19.97 -2.76 13.55
C MET A 400 -19.76 -3.38 14.91
N ARG A 401 -20.82 -3.94 15.47
CA ARG A 401 -20.77 -4.56 16.78
C ARG A 401 -21.65 -5.80 16.77
N GLY A 402 -21.41 -6.68 17.74
CA GLY A 402 -22.23 -7.85 17.92
C GLY A 402 -21.77 -9.02 17.08
N PRO A 403 -22.42 -10.16 17.25
CA PRO A 403 -21.99 -11.37 16.54
C PRO A 403 -22.37 -11.33 15.07
N LEU A 404 -21.66 -12.14 14.29
CA LEU A 404 -22.04 -12.35 12.91
C LEU A 404 -23.36 -13.11 12.84
N PRO A 405 -24.19 -12.83 11.85
CA PRO A 405 -25.46 -13.55 11.72
C PRO A 405 -25.23 -14.97 11.22
N ASP A 406 -26.30 -15.75 11.25
CA ASP A 406 -26.24 -17.13 10.76
C ASP A 406 -25.99 -17.09 9.26
N LEU A 407 -24.76 -17.39 8.86
CA LEU A 407 -24.34 -17.24 7.48
C LEU A 407 -24.87 -18.35 6.57
N ALA A 408 -25.56 -19.35 7.11
CA ALA A 408 -26.18 -20.36 6.27
C ALA A 408 -27.33 -19.80 5.45
N LEU A 409 -27.78 -18.58 5.74
CA LEU A 409 -28.84 -17.93 4.98
C LEU A 409 -28.34 -17.20 3.75
N PHE A 410 -27.05 -17.31 3.44
CA PHE A 410 -26.46 -16.73 2.23
C PHE A 410 -25.72 -17.82 1.48
N PRO A 411 -26.44 -18.80 0.92
CA PRO A 411 -25.77 -19.94 0.29
C PRO A 411 -25.23 -19.64 -1.09
N SER A 412 -25.19 -18.36 -1.46
CA SER A 412 -24.68 -17.96 -2.77
C SER A 412 -23.61 -16.88 -2.68
N LEU A 413 -23.05 -16.64 -1.50
CA LEU A 413 -22.02 -15.63 -1.36
C LEU A 413 -20.75 -16.05 -2.11
N ARG A 414 -20.21 -15.13 -2.90
CA ARG A 414 -19.00 -15.37 -3.67
C ARG A 414 -17.79 -14.62 -3.16
N GLU A 415 -17.99 -13.48 -2.48
CA GLU A 415 -16.87 -12.69 -1.97
C GLU A 415 -17.40 -11.95 -0.74
N LEU A 416 -17.02 -12.44 0.44
CA LEU A 416 -17.46 -11.85 1.70
C LEU A 416 -16.33 -11.04 2.31
N HIS A 417 -16.54 -9.74 2.42
CA HIS A 417 -15.60 -8.83 3.07
C HIS A 417 -16.24 -8.30 4.34
N LEU A 418 -15.61 -8.56 5.48
CA LEU A 418 -16.11 -8.05 6.76
C LEU A 418 -14.98 -7.52 7.62
N GLY A 419 -13.88 -7.10 7.01
CA GLY A 419 -12.72 -6.67 7.76
C GLY A 419 -12.84 -5.27 8.32
N SER A 420 -11.89 -4.94 9.19
CA SER A 420 -11.78 -3.61 9.78
C SER A 420 -13.07 -3.20 10.50
N ASN A 421 -13.63 -4.14 11.26
CA ASN A 421 -14.81 -3.87 12.08
C ASN A 421 -14.57 -4.33 13.51
N HIS A 422 -15.63 -4.33 14.33
CA HIS A 422 -15.57 -4.87 15.68
C HIS A 422 -16.63 -5.97 15.79
N PHE A 423 -16.27 -7.17 15.36
CA PHE A 423 -17.17 -8.31 15.38
C PHE A 423 -16.66 -9.32 16.39
N ASN A 424 -17.49 -9.68 17.35
CA ASN A 424 -17.14 -10.65 18.38
C ASN A 424 -17.88 -11.96 18.15
N GLY A 425 -17.56 -12.95 18.96
CA GLY A 425 -18.19 -14.25 18.86
C GLY A 425 -17.52 -15.15 17.84
N ARG A 426 -17.75 -16.45 18.00
CA ARG A 426 -17.19 -17.42 17.09
C ARG A 426 -17.82 -17.28 15.71
N ILE A 427 -17.04 -17.62 14.68
CA ILE A 427 -17.60 -17.64 13.33
C ILE A 427 -18.67 -18.71 13.26
N PRO A 428 -19.87 -18.40 12.75
CA PRO A 428 -20.96 -19.38 12.77
C PRO A 428 -20.61 -20.66 12.02
N GLN A 429 -21.15 -21.77 12.52
CA GLN A 429 -20.89 -23.08 11.92
C GLN A 429 -21.48 -23.20 10.53
N GLY A 430 -22.37 -22.30 10.14
CA GLY A 430 -22.94 -22.35 8.81
C GLY A 430 -22.01 -21.92 7.70
N ILE A 431 -20.78 -21.51 8.03
CA ILE A 431 -19.85 -21.04 7.03
C ILE A 431 -19.52 -22.13 6.01
N GLY A 432 -19.70 -23.39 6.37
CA GLY A 432 -19.47 -24.47 5.44
C GLY A 432 -20.58 -24.72 4.45
N LYS A 433 -21.71 -24.04 4.61
CA LYS A 433 -22.84 -24.21 3.71
C LYS A 433 -22.80 -23.25 2.53
N LEU A 434 -21.84 -22.31 2.50
CA LEU A 434 -21.75 -21.39 1.37
C LEU A 434 -21.41 -22.14 0.08
N SER A 435 -20.38 -22.98 0.14
CA SER A 435 -20.03 -23.90 -0.94
C SER A 435 -19.63 -23.20 -2.24
N GLN A 436 -19.55 -21.87 -2.21
CA GLN A 436 -19.15 -21.14 -3.41
C GLN A 436 -18.26 -19.94 -3.11
N LEU A 437 -17.90 -19.71 -1.84
CA LEU A 437 -17.13 -18.54 -1.48
C LEU A 437 -15.72 -18.64 -2.05
N LYS A 438 -15.23 -17.52 -2.61
CA LYS A 438 -13.88 -17.46 -3.16
C LYS A 438 -12.93 -16.64 -2.31
N ILE A 439 -13.35 -15.51 -1.78
CA ILE A 439 -12.53 -14.66 -0.93
C ILE A 439 -13.25 -14.43 0.38
N LEU A 440 -12.57 -14.70 1.50
CA LEU A 440 -13.11 -14.46 2.83
C LEU A 440 -12.11 -13.62 3.62
N ASP A 441 -12.50 -12.40 3.97
CA ASP A 441 -11.67 -11.49 4.73
C ASP A 441 -12.42 -11.08 5.99
N VAL A 442 -11.93 -11.51 7.15
CA VAL A 442 -12.53 -11.18 8.43
C VAL A 442 -11.49 -10.60 9.35
N SER A 443 -10.47 -9.94 8.77
CA SER A 443 -9.37 -9.42 9.55
C SER A 443 -9.79 -8.20 10.36
N SER A 444 -8.97 -7.86 11.35
CA SER A 444 -9.12 -6.66 12.19
C SER A 444 -10.40 -6.66 13.00
N ASN A 445 -11.07 -7.81 13.13
CA ASN A 445 -12.22 -7.95 14.00
C ASN A 445 -11.78 -8.57 15.33
N ARG A 446 -12.75 -8.94 16.16
CA ARG A 446 -12.49 -9.56 17.46
C ARG A 446 -13.08 -10.96 17.53
N LEU A 447 -12.97 -11.71 16.43
CA LEU A 447 -13.55 -13.04 16.37
C LEU A 447 -12.82 -13.97 17.33
N GLU A 448 -13.59 -14.79 18.04
CA GLU A 448 -13.05 -15.59 19.13
C GLU A 448 -12.83 -17.06 18.77
N GLY A 449 -13.06 -17.46 17.53
CA GLY A 449 -12.90 -18.86 17.17
C GLY A 449 -13.16 -19.07 15.69
N LEU A 450 -12.80 -20.27 15.24
CA LEU A 450 -12.93 -20.67 13.85
C LEU A 450 -13.53 -22.06 13.79
N PRO A 451 -14.63 -22.25 13.08
CA PRO A 451 -15.40 -23.49 13.18
C PRO A 451 -14.83 -24.63 12.33
N GLU A 452 -15.38 -25.81 12.56
CA GLU A 452 -14.91 -27.04 11.92
C GLU A 452 -15.48 -27.25 10.53
N SER A 453 -16.54 -26.54 10.15
CA SER A 453 -17.13 -26.68 8.83
C SER A 453 -16.31 -26.01 7.75
N MET A 454 -15.32 -25.20 8.13
CA MET A 454 -14.52 -24.46 7.17
C MET A 454 -13.88 -25.37 6.13
N GLY A 455 -13.62 -26.62 6.51
CA GLY A 455 -12.99 -27.53 5.58
C GLY A 455 -13.83 -27.82 4.35
N GLN A 456 -15.15 -27.87 4.52
CA GLN A 456 -16.02 -28.27 3.42
C GLN A 456 -16.09 -27.24 2.31
N LEU A 457 -15.55 -26.03 2.52
CA LEU A 457 -15.41 -25.08 1.42
C LEU A 457 -14.44 -25.64 0.39
N SER A 458 -14.82 -25.54 -0.88
CA SER A 458 -14.05 -26.17 -1.96
C SER A 458 -13.60 -25.18 -3.03
N ASN A 459 -13.99 -23.91 -2.92
CA ASN A 459 -13.57 -22.89 -3.86
C ASN A 459 -12.92 -21.69 -3.19
N LEU A 460 -12.68 -21.76 -1.88
CA LEU A 460 -12.07 -20.64 -1.17
C LEU A 460 -10.64 -20.46 -1.63
N GLU A 461 -10.38 -19.40 -2.38
CA GLU A 461 -9.06 -19.14 -2.92
C GLU A 461 -8.20 -18.25 -2.01
N SER A 462 -8.78 -17.65 -0.98
CA SER A 462 -8.03 -16.75 -0.11
C SER A 462 -8.77 -16.62 1.21
N PHE A 463 -8.15 -17.10 2.29
CA PHE A 463 -8.68 -16.97 3.63
C PHE A 463 -7.79 -16.03 4.42
N ASP A 464 -8.38 -14.97 4.95
CA ASP A 464 -7.66 -13.97 5.72
C ASP A 464 -8.41 -13.71 7.01
N ALA A 465 -7.78 -14.03 8.14
CA ALA A 465 -8.35 -13.76 9.46
C ALA A 465 -7.31 -13.18 10.40
N SER A 466 -6.43 -12.34 9.89
CA SER A 466 -5.34 -11.79 10.67
C SER A 466 -5.85 -10.78 11.69
N TYR A 467 -5.08 -10.63 12.78
CA TYR A 467 -5.35 -9.66 13.83
C TYR A 467 -6.75 -9.81 14.41
N ASN A 468 -7.11 -11.05 14.76
CA ASN A 468 -8.29 -11.35 15.55
C ASN A 468 -7.84 -11.96 16.87
N VAL A 469 -8.81 -12.39 17.67
CA VAL A 469 -8.48 -13.14 18.88
C VAL A 469 -8.15 -14.59 18.53
N LEU A 470 -9.13 -15.31 18.00
CA LEU A 470 -8.96 -16.65 17.43
C LEU A 470 -8.14 -17.57 18.32
N LYS A 471 -8.68 -17.86 19.50
CA LYS A 471 -8.11 -18.89 20.35
C LYS A 471 -8.68 -20.25 19.99
N GLY A 472 -7.88 -21.28 20.21
CA GLY A 472 -8.30 -22.64 19.96
C GLY A 472 -7.20 -23.40 19.25
N THR A 473 -7.60 -24.53 18.65
CA THR A 473 -6.68 -25.40 17.92
C THR A 473 -7.29 -25.78 16.59
N ILE A 474 -6.44 -25.95 15.58
CA ILE A 474 -6.86 -26.33 14.24
C ILE A 474 -6.38 -27.73 13.93
N THR A 475 -7.30 -28.60 13.55
CA THR A 475 -7.03 -29.97 13.15
C THR A 475 -7.15 -30.03 11.63
N GLU A 476 -6.70 -31.14 11.04
CA GLU A 476 -6.81 -31.32 9.60
C GLU A 476 -8.26 -31.25 9.12
N SER A 477 -9.21 -31.49 10.02
CA SER A 477 -10.61 -31.44 9.64
C SER A 477 -11.03 -30.05 9.17
N HIS A 478 -10.33 -29.00 9.62
CA HIS A 478 -10.61 -27.66 9.17
C HIS A 478 -10.09 -27.37 7.77
N LEU A 479 -9.25 -28.26 7.21
CA LEU A 479 -8.64 -28.03 5.91
C LEU A 479 -8.76 -29.26 5.00
N SER A 480 -9.81 -30.06 5.18
CA SER A 480 -9.90 -31.34 4.48
C SER A 480 -10.04 -31.15 2.97
N ASN A 481 -10.98 -30.31 2.54
CA ASN A 481 -11.33 -30.18 1.13
C ASN A 481 -10.99 -28.80 0.57
N LEU A 482 -10.10 -28.06 1.21
CA LEU A 482 -9.72 -26.73 0.74
C LEU A 482 -8.77 -26.90 -0.45
N SER A 483 -9.34 -27.40 -1.55
CA SER A 483 -8.54 -27.81 -2.69
C SER A 483 -8.03 -26.64 -3.52
N SER A 484 -8.65 -25.46 -3.41
CA SER A 484 -8.29 -24.33 -4.25
C SER A 484 -7.73 -23.16 -3.45
N LEU A 485 -7.23 -23.43 -2.25
CA LEU A 485 -6.64 -22.37 -1.43
C LEU A 485 -5.25 -22.02 -1.96
N VAL A 486 -5.02 -20.72 -2.18
CA VAL A 486 -3.74 -20.25 -2.67
C VAL A 486 -3.22 -19.12 -1.79
N ASP A 487 -3.94 -18.84 -0.70
CA ASP A 487 -3.55 -17.75 0.19
C ASP A 487 -4.20 -18.01 1.55
N LEU A 488 -3.38 -18.28 2.56
CA LEU A 488 -3.85 -18.52 3.92
C LEU A 488 -3.13 -17.58 4.86
N ASP A 489 -3.90 -16.75 5.58
CA ASP A 489 -3.32 -15.71 6.43
C ASP A 489 -4.01 -15.71 7.80
N LEU A 490 -3.52 -16.56 8.70
CA LEU A 490 -3.94 -16.52 10.10
C LEU A 490 -2.91 -15.78 10.95
N SER A 491 -2.63 -14.54 10.58
CA SER A 491 -1.51 -13.81 11.16
C SER A 491 -1.88 -13.25 12.53
N PHE A 492 -0.99 -13.46 13.50
CA PHE A 492 -1.05 -12.83 14.82
C PHE A 492 -2.37 -13.13 15.54
N ASN A 493 -2.58 -14.41 15.82
CA ASN A 493 -3.69 -14.87 16.63
C ASN A 493 -3.18 -15.90 17.61
N SER A 494 -3.88 -16.05 18.74
CA SER A 494 -3.53 -17.06 19.74
C SER A 494 -4.05 -18.44 19.30
N LEU A 495 -3.58 -18.86 18.14
CA LEU A 495 -4.09 -20.03 17.45
C LEU A 495 -3.09 -21.18 17.58
N ALA A 496 -3.50 -22.37 17.13
CA ALA A 496 -2.64 -23.54 17.21
C ALA A 496 -3.03 -24.49 16.08
N LEU A 497 -2.10 -24.69 15.13
CA LEU A 497 -2.32 -25.57 14.00
C LEU A 497 -1.49 -26.83 14.22
N LYS A 498 -2.16 -27.96 14.39
CA LYS A 498 -1.50 -29.24 14.68
C LYS A 498 -2.15 -30.29 13.79
N THR A 499 -1.52 -30.60 12.67
CA THR A 499 -2.02 -31.59 11.72
C THR A 499 -1.40 -32.95 12.00
N SER A 500 -2.23 -33.98 11.99
CA SER A 500 -1.75 -35.32 12.26
C SER A 500 -0.87 -35.83 11.13
N ILE A 501 -0.05 -36.84 11.45
CA ILE A 501 0.84 -37.42 10.46
C ILE A 501 0.03 -38.13 9.37
N ASP A 502 0.69 -38.35 8.23
CA ASP A 502 0.08 -39.02 7.08
C ASP A 502 -1.10 -38.25 6.52
N TRP A 503 -1.02 -36.92 6.56
CA TRP A 503 -2.03 -36.04 5.99
C TRP A 503 -1.44 -35.37 4.75
N LEU A 504 -2.03 -35.64 3.60
CA LEU A 504 -1.57 -35.07 2.35
C LEU A 504 -2.43 -33.87 2.00
N PRO A 505 -1.92 -32.65 2.08
CA PRO A 505 -2.75 -31.47 1.80
C PRO A 505 -3.23 -31.47 0.37
N PRO A 506 -4.47 -31.03 0.13
CA PRO A 506 -5.00 -30.96 -1.24
C PRO A 506 -4.75 -29.64 -1.95
N PHE A 507 -3.90 -28.77 -1.42
CA PHE A 507 -3.68 -27.45 -1.96
C PHE A 507 -2.20 -27.16 -2.11
N GLN A 508 -1.85 -26.41 -3.14
CA GLN A 508 -0.50 -25.90 -3.36
C GLN A 508 -0.57 -24.39 -3.19
N LEU A 509 -0.45 -23.92 -1.95
CA LEU A 509 -0.75 -22.54 -1.63
C LEU A 509 0.46 -21.65 -1.86
N GLN A 510 0.19 -20.43 -2.33
CA GLN A 510 1.25 -19.51 -2.75
C GLN A 510 1.78 -18.69 -1.59
N VAL A 511 0.91 -18.22 -0.71
CA VAL A 511 1.30 -17.36 0.40
C VAL A 511 0.98 -18.09 1.70
N ILE A 512 2.01 -18.30 2.52
CA ILE A 512 1.86 -18.96 3.82
C ILE A 512 2.28 -17.93 4.86
N ASN A 513 1.30 -17.18 5.37
CA ASN A 513 1.54 -16.25 6.49
C ASN A 513 0.89 -16.86 7.73
N LEU A 514 1.70 -17.49 8.57
CA LEU A 514 1.25 -18.00 9.86
C LEU A 514 2.18 -17.56 10.98
N PRO A 515 2.27 -16.26 11.23
CA PRO A 515 3.04 -15.80 12.39
C PRO A 515 2.29 -16.03 13.69
N SER A 516 3.06 -16.15 14.76
CA SER A 516 2.53 -16.25 16.13
C SER A 516 1.52 -17.38 16.27
N CYS A 517 1.61 -18.40 15.43
CA CYS A 517 0.74 -19.56 15.49
C CYS A 517 1.55 -20.78 15.89
N ASN A 518 1.12 -21.45 16.95
CA ASN A 518 1.78 -22.66 17.42
C ASN A 518 1.66 -23.75 16.38
N LEU A 519 2.75 -24.06 15.68
CA LEU A 519 2.75 -25.05 14.61
C LEU A 519 3.37 -26.38 15.05
N GLY A 520 3.31 -26.70 16.33
CA GLY A 520 3.76 -27.98 16.82
C GLY A 520 5.22 -27.99 17.20
N PRO A 521 5.58 -28.80 18.19
CA PRO A 521 6.99 -28.86 18.60
C PRO A 521 7.93 -29.27 17.50
N SER A 522 7.51 -30.13 16.58
CA SER A 522 8.32 -30.56 15.46
C SER A 522 8.11 -29.63 14.27
N PHE A 523 9.01 -29.75 13.29
CA PHE A 523 8.86 -28.98 12.07
C PHE A 523 7.59 -29.41 11.35
N PRO A 524 6.77 -28.48 10.87
CA PRO A 524 5.50 -28.86 10.23
C PRO A 524 5.76 -29.69 8.98
N LYS A 525 5.20 -30.90 8.97
CA LYS A 525 5.44 -31.86 7.91
C LYS A 525 4.53 -31.69 6.71
N TRP A 526 3.62 -30.73 6.73
CA TRP A 526 2.75 -30.47 5.60
C TRP A 526 3.38 -29.55 4.56
N LEU A 527 4.60 -29.07 4.81
CA LEU A 527 5.32 -28.29 3.82
C LEU A 527 5.99 -29.14 2.75
N GLN A 528 6.09 -30.45 2.98
CA GLN A 528 6.70 -31.32 1.97
C GLN A 528 5.89 -31.31 0.69
N SER A 529 4.56 -31.33 0.80
CA SER A 529 3.70 -31.31 -0.37
C SER A 529 3.67 -29.96 -1.07
N GLN A 530 4.25 -28.93 -0.48
CA GLN A 530 4.19 -27.57 -1.01
C GLN A 530 5.49 -27.25 -1.73
N ASN A 531 5.40 -26.94 -3.03
CA ASN A 531 6.59 -26.65 -3.81
C ASN A 531 6.34 -25.52 -4.79
N ASN A 532 5.48 -24.56 -4.43
CA ASN A 532 5.28 -23.39 -5.27
C ASN A 532 5.11 -22.09 -4.51
N TYR A 533 5.29 -22.07 -3.19
CA TYR A 533 4.99 -20.87 -2.42
C TYR A 533 6.04 -19.79 -2.68
N THR A 534 5.60 -18.53 -2.58
CA THR A 534 6.47 -17.38 -2.79
C THR A 534 6.72 -16.57 -1.53
N VAL A 535 5.84 -16.67 -0.54
CA VAL A 535 6.03 -15.98 0.74
C VAL A 535 5.78 -16.98 1.85
N LEU A 536 6.76 -17.16 2.72
CA LEU A 536 6.67 -18.10 3.83
C LEU A 536 6.97 -17.38 5.13
N ASP A 537 6.06 -17.50 6.11
CA ASP A 537 6.19 -16.80 7.39
C ASP A 537 5.82 -17.77 8.50
N ILE A 538 6.82 -18.44 9.06
CA ILE A 538 6.64 -19.40 10.14
C ILE A 538 7.21 -18.79 11.42
N SER A 539 7.29 -17.46 11.45
CA SER A 539 7.92 -16.80 12.58
C SER A 539 7.01 -16.85 13.82
N LEU A 540 7.64 -16.71 14.99
CA LEU A 540 6.93 -16.63 16.27
C LEU A 540 6.12 -17.88 16.55
N ALA A 541 6.48 -18.99 15.92
CA ALA A 541 5.88 -20.28 16.21
C ALA A 541 6.64 -20.91 17.37
N ASN A 542 6.38 -22.18 17.65
CA ASN A 542 7.12 -22.92 18.66
C ASN A 542 7.65 -24.20 18.01
N ILE A 543 8.79 -24.07 17.35
CA ILE A 543 9.45 -25.19 16.68
C ILE A 543 10.80 -25.42 17.32
N SER A 544 11.02 -26.61 17.85
CA SER A 544 12.28 -26.96 18.49
C SER A 544 12.88 -28.23 17.88
N ASP A 545 12.72 -28.40 16.58
CA ASP A 545 13.19 -29.58 15.88
C ASP A 545 14.27 -29.20 14.87
N ALA A 546 15.22 -30.11 14.67
CA ALA A 546 16.27 -29.88 13.69
C ALA A 546 15.68 -29.77 12.29
N LEU A 547 16.38 -29.07 11.42
CA LEU A 547 15.88 -28.81 10.08
C LEU A 547 15.77 -30.12 9.31
N PRO A 548 14.60 -30.48 8.80
CA PRO A 548 14.46 -31.76 8.11
C PRO A 548 15.27 -31.80 6.82
N SER A 549 15.67 -33.03 6.45
CA SER A 549 16.47 -33.21 5.26
C SER A 549 15.71 -32.80 4.00
N TRP A 550 14.39 -33.07 3.95
CA TRP A 550 13.62 -32.75 2.77
C TRP A 550 13.44 -31.26 2.55
N PHE A 551 13.79 -30.42 3.52
CA PHE A 551 13.73 -28.97 3.36
C PHE A 551 15.03 -28.46 2.74
N SER A 552 15.36 -29.01 1.57
CA SER A 552 16.61 -28.68 0.92
C SER A 552 16.49 -27.39 0.11
N GLY A 553 15.61 -27.37 -0.89
CA GLY A 553 15.51 -26.24 -1.79
C GLY A 553 14.16 -25.57 -1.80
N LEU A 554 14.16 -24.25 -1.63
CA LEU A 554 12.94 -23.49 -1.70
C LEU A 554 12.47 -23.36 -3.14
N PRO A 555 11.19 -23.07 -3.35
CA PRO A 555 10.70 -22.90 -4.71
C PRO A 555 11.44 -21.78 -5.41
N PRO A 556 11.61 -21.87 -6.74
CA PRO A 556 12.50 -20.92 -7.43
C PRO A 556 12.09 -19.47 -7.27
N ASP A 557 10.80 -19.17 -7.25
CA ASP A 557 10.33 -17.79 -7.13
C ASP A 557 9.76 -17.60 -5.73
N ILE A 558 10.67 -17.21 -4.82
CA ILE A 558 10.33 -16.95 -3.43
C ILE A 558 10.73 -15.52 -3.11
N LYS A 559 9.86 -14.82 -2.40
CA LYS A 559 10.04 -13.39 -2.13
C LYS A 559 10.26 -13.09 -0.66
N ILE A 560 9.58 -13.78 0.25
CA ILE A 560 9.71 -13.55 1.68
C ILE A 560 9.95 -14.89 2.37
N LEU A 561 10.95 -14.94 3.23
CA LEU A 561 11.24 -16.13 4.04
C LEU A 561 11.61 -15.64 5.44
N ASN A 562 10.64 -15.68 6.35
CA ASN A 562 10.82 -15.20 7.72
C ASN A 562 10.64 -16.39 8.68
N LEU A 563 11.75 -16.91 9.17
CA LEU A 563 11.74 -17.99 10.16
C LEU A 563 12.19 -17.48 11.52
N SER A 564 11.97 -16.19 11.79
CA SER A 564 12.49 -15.57 13.00
C SER A 564 11.77 -16.07 14.25
N ASN A 565 12.47 -15.98 15.38
CA ASN A 565 11.91 -16.27 16.69
C ASN A 565 11.34 -17.68 16.78
N ASN A 566 12.23 -18.65 16.60
CA ASN A 566 11.92 -20.06 16.74
C ASN A 566 13.11 -20.72 17.42
N GLN A 567 13.17 -22.05 17.38
CA GLN A 567 14.31 -22.80 17.91
C GLN A 567 14.74 -23.87 16.90
N ILE A 568 14.83 -23.47 15.64
CA ILE A 568 15.23 -24.39 14.57
C ILE A 568 16.73 -24.54 14.56
N SER A 569 17.21 -25.77 14.32
CA SER A 569 18.62 -26.07 14.33
C SER A 569 19.01 -26.76 13.02
N GLY A 570 20.26 -26.59 12.63
CA GLY A 570 20.81 -27.21 11.45
C GLY A 570 21.62 -26.23 10.63
N ARG A 571 21.98 -26.63 9.43
CA ARG A 571 22.76 -25.82 8.51
C ARG A 571 21.85 -25.28 7.41
N VAL A 572 21.93 -23.98 7.17
CA VAL A 572 21.16 -23.34 6.11
C VAL A 572 22.06 -22.96 4.93
N SER A 573 23.20 -23.65 4.79
CA SER A 573 24.12 -23.34 3.71
C SER A 573 23.51 -23.65 2.36
N ASP A 574 22.79 -24.77 2.24
CA ASP A 574 22.28 -25.26 0.97
C ASP A 574 20.78 -25.03 0.81
N LEU A 575 20.29 -23.88 1.29
CA LEU A 575 18.88 -23.54 1.16
C LEU A 575 18.62 -22.23 0.44
N ILE A 576 19.64 -21.44 0.13
CA ILE A 576 19.44 -20.11 -0.42
C ILE A 576 19.32 -20.17 -1.94
N GLU A 577 20.38 -20.63 -2.60
CA GLU A 577 20.43 -20.95 -4.02
C GLU A 577 20.39 -19.72 -4.95
N ASN A 578 20.35 -18.51 -4.41
CA ASN A 578 20.48 -17.28 -5.19
C ASN A 578 19.37 -17.17 -6.26
N ALA A 579 18.14 -17.00 -5.78
CA ALA A 579 17.02 -16.77 -6.66
C ALA A 579 17.05 -15.33 -7.17
N TYR A 580 16.01 -14.95 -7.92
CA TYR A 580 15.97 -13.63 -8.54
C TYR A 580 14.93 -12.70 -7.94
N ASP A 581 13.98 -13.22 -7.15
CA ASP A 581 12.92 -12.40 -6.59
C ASP A 581 12.97 -12.35 -5.07
N TYR A 582 14.12 -12.69 -4.49
CA TYR A 582 14.29 -12.59 -3.04
C TYR A 582 14.17 -11.15 -2.58
N MET A 583 13.41 -10.94 -1.52
CA MET A 583 13.27 -9.62 -0.91
C MET A 583 13.55 -9.63 0.59
N VAL A 584 13.12 -10.66 1.30
CA VAL A 584 13.28 -10.75 2.75
C VAL A 584 13.78 -12.15 3.10
N ILE A 585 14.88 -12.20 3.85
CA ILE A 585 15.41 -13.45 4.40
C ILE A 585 15.72 -13.17 5.86
N ASP A 586 14.82 -13.57 6.75
CA ASP A 586 14.96 -13.33 8.18
C ASP A 586 15.05 -14.66 8.91
N LEU A 587 16.26 -15.01 9.35
CA LEU A 587 16.49 -16.24 10.10
C LEU A 587 16.96 -15.93 11.53
N SER A 588 16.48 -14.83 12.09
CA SER A 588 16.95 -14.39 13.40
C SER A 588 16.35 -15.23 14.51
N SER A 589 17.04 -15.25 15.66
CA SER A 589 16.57 -15.88 16.89
C SER A 589 16.25 -17.37 16.65
N ASN A 590 17.30 -18.15 16.40
CA ASN A 590 17.18 -19.58 16.14
C ASN A 590 18.44 -20.27 16.64
N ASN A 591 18.55 -21.57 16.34
CA ASN A 591 19.71 -22.36 16.72
C ASN A 591 20.49 -22.81 15.49
N PHE A 592 20.62 -21.94 14.50
CA PHE A 592 21.31 -22.32 13.28
C PHE A 592 22.82 -22.44 13.53
N SER A 593 23.48 -23.22 12.69
CA SER A 593 24.91 -23.40 12.77
C SER A 593 25.47 -23.70 11.39
N GLY A 594 26.76 -23.46 11.22
CA GLY A 594 27.43 -23.76 9.98
C GLY A 594 27.97 -22.52 9.30
N PRO A 595 28.37 -22.64 8.04
CA PRO A 595 28.93 -21.50 7.32
C PRO A 595 27.85 -20.49 6.94
N LEU A 596 28.30 -19.33 6.50
CA LEU A 596 27.38 -18.26 6.13
C LEU A 596 26.60 -18.65 4.88
N PRO A 597 25.28 -18.56 4.91
CA PRO A 597 24.50 -18.78 3.68
C PRO A 597 24.76 -17.68 2.66
N LEU A 598 24.61 -18.04 1.38
CA LEU A 598 24.85 -17.11 0.30
C LEU A 598 23.89 -15.93 0.39
N VAL A 599 24.40 -14.75 0.03
CA VAL A 599 23.60 -13.53 0.03
C VAL A 599 23.15 -13.28 -1.40
N PRO A 600 21.86 -13.41 -1.70
CA PRO A 600 21.41 -13.27 -3.10
C PRO A 600 21.52 -11.85 -3.59
N THR A 601 21.33 -11.70 -4.91
CA THR A 601 21.57 -10.42 -5.56
C THR A 601 20.47 -9.42 -5.26
N ASN A 602 19.22 -9.85 -5.28
CA ASN A 602 18.08 -8.94 -5.20
C ASN A 602 17.54 -8.75 -3.80
N VAL A 603 18.18 -9.33 -2.77
CA VAL A 603 17.68 -9.16 -1.42
C VAL A 603 17.81 -7.72 -0.98
N GLN A 604 16.87 -7.29 -0.13
CA GLN A 604 16.87 -5.94 0.43
C GLN A 604 17.17 -5.92 1.91
N ILE A 605 16.63 -6.86 2.68
CA ILE A 605 16.93 -6.98 4.10
C ILE A 605 17.34 -8.42 4.38
N PHE A 606 18.48 -8.59 5.05
CA PHE A 606 19.09 -9.90 5.31
C PHE A 606 19.41 -9.98 6.79
N TYR A 607 18.54 -10.62 7.56
CA TYR A 607 18.67 -10.69 9.01
C TYR A 607 19.09 -12.10 9.41
N LEU A 608 20.15 -12.18 10.23
CA LEU A 608 20.66 -13.46 10.71
C LEU A 608 21.06 -13.42 12.17
N HIS A 609 20.65 -12.41 12.94
CA HIS A 609 21.18 -12.24 14.27
C HIS A 609 20.55 -13.23 15.26
N LYS A 610 21.19 -13.35 16.43
CA LYS A 610 20.79 -14.28 17.48
C LYS A 610 20.78 -15.73 16.96
N ASN A 611 21.93 -16.13 16.43
CA ASN A 611 22.12 -17.48 15.93
C ASN A 611 23.46 -17.99 16.45
N GLN A 612 23.87 -19.17 15.97
CA GLN A 612 25.14 -19.77 16.35
C GLN A 612 25.98 -20.10 15.12
N PHE A 613 25.98 -19.20 14.15
CA PHE A 613 26.80 -19.38 12.97
C PHE A 613 28.28 -19.23 13.30
N PHE A 614 29.12 -19.82 12.46
CA PHE A 614 30.56 -19.71 12.64
C PHE A 614 31.24 -19.85 11.29
N GLY A 615 32.49 -19.39 11.23
CA GLY A 615 33.29 -19.49 10.02
C GLY A 615 33.72 -18.11 9.52
N SER A 616 33.89 -18.01 8.20
CA SER A 616 34.34 -16.80 7.55
C SER A 616 33.22 -16.24 6.68
N ILE A 617 33.11 -14.92 6.65
CA ILE A 617 32.11 -14.25 5.83
C ILE A 617 32.71 -13.68 4.55
N SER A 618 33.82 -14.27 4.08
CA SER A 618 34.49 -13.76 2.90
C SER A 618 33.65 -13.91 1.64
N SER A 619 32.57 -14.69 1.69
CA SER A 619 31.70 -14.89 0.55
C SER A 619 30.48 -14.00 0.58
N ILE A 620 30.61 -12.76 1.08
CA ILE A 620 29.47 -11.88 1.27
C ILE A 620 29.41 -10.75 0.24
N CYS A 621 30.49 -10.48 -0.49
CA CYS A 621 30.45 -9.50 -1.55
C CYS A 621 30.96 -10.03 -2.89
N LYS A 622 31.15 -11.34 -3.02
CA LYS A 622 31.66 -11.89 -4.28
C LYS A 622 30.72 -11.63 -5.44
N SER A 623 29.45 -11.33 -5.17
CA SER A 623 28.49 -10.99 -6.20
C SER A 623 27.82 -9.67 -5.83
N THR A 624 27.33 -8.98 -6.84
CA THR A 624 26.65 -7.70 -6.61
C THR A 624 25.41 -7.91 -5.77
N THR A 625 25.35 -7.23 -4.61
CA THR A 625 24.24 -7.35 -3.69
C THR A 625 23.56 -5.99 -3.52
N GLY A 626 22.24 -6.01 -3.35
CA GLY A 626 21.49 -4.80 -3.18
C GLY A 626 20.73 -4.74 -1.87
N ALA A 627 21.34 -5.26 -0.80
CA ALA A 627 20.68 -5.31 0.49
C ALA A 627 20.66 -3.92 1.13
N THR A 628 19.48 -3.49 1.58
CA THR A 628 19.39 -2.25 2.33
C THR A 628 19.84 -2.46 3.78
N SER A 629 19.49 -3.60 4.37
CA SER A 629 19.86 -3.90 5.74
C SER A 629 20.54 -5.26 5.79
N LEU A 630 21.68 -5.33 6.49
CA LEU A 630 22.46 -6.56 6.62
C LEU A 630 22.77 -6.76 8.10
N ASP A 631 22.17 -7.79 8.70
CA ASP A 631 22.30 -8.07 10.12
C ASP A 631 22.98 -9.42 10.32
N LEU A 632 24.15 -9.40 10.97
CA LEU A 632 24.89 -10.60 11.29
C LEU A 632 25.31 -10.61 12.75
N SER A 633 24.60 -9.86 13.60
CA SER A 633 25.04 -9.66 14.97
C SER A 633 24.75 -10.87 15.83
N HIS A 634 25.38 -10.90 17.01
CA HIS A 634 25.15 -11.93 18.01
C HIS A 634 25.35 -13.33 17.45
N ASN A 635 26.42 -13.50 16.67
CA ASN A 635 26.82 -14.78 16.14
C ASN A 635 28.27 -15.06 16.57
N GLN A 636 28.83 -16.15 16.05
CA GLN A 636 30.20 -16.51 16.38
C GLN A 636 31.05 -16.62 15.11
N PHE A 637 30.92 -15.65 14.22
CA PHE A 637 31.72 -15.62 13.00
C PHE A 637 33.19 -15.39 13.35
N SER A 638 34.04 -15.43 12.34
CA SER A 638 35.46 -15.20 12.54
C SER A 638 36.09 -14.77 11.21
N GLY A 639 37.34 -14.35 11.29
CA GLY A 639 38.10 -13.98 10.12
C GLY A 639 38.00 -12.49 9.80
N GLU A 640 38.97 -12.03 9.02
CA GLU A 640 39.03 -10.63 8.63
C GLU A 640 37.88 -10.30 7.67
N LEU A 641 37.40 -9.07 7.77
CA LEU A 641 36.39 -8.60 6.83
C LEU A 641 37.01 -8.48 5.45
N PRO A 642 36.43 -9.12 4.44
CA PRO A 642 37.02 -9.06 3.10
C PRO A 642 36.92 -7.67 2.50
N ASP A 643 37.91 -7.34 1.66
CA ASP A 643 37.93 -6.08 0.93
C ASP A 643 36.96 -6.14 -0.25
N CYS A 644 35.69 -6.29 0.10
CA CYS A 644 34.65 -6.64 -0.87
C CYS A 644 33.57 -5.59 -1.03
N TRP A 645 33.44 -4.66 -0.08
CA TRP A 645 32.25 -3.80 -0.01
C TRP A 645 32.17 -2.81 -1.16
N MET A 646 33.13 -2.78 -2.07
CA MET A 646 33.00 -2.00 -3.29
C MET A 646 31.85 -2.49 -4.16
N ASN A 647 31.41 -3.73 -3.96
CA ASN A 647 30.29 -4.31 -4.69
C ASN A 647 28.95 -4.06 -4.03
N ALA A 648 28.93 -3.50 -2.82
CA ALA A 648 27.70 -3.20 -2.11
C ALA A 648 27.35 -1.74 -2.32
N THR A 649 26.20 -1.48 -2.94
CA THR A 649 25.82 -0.13 -3.32
C THR A 649 24.66 0.44 -2.52
N ASN A 650 23.82 -0.40 -1.93
CA ASN A 650 22.60 0.06 -1.29
C ASN A 650 22.54 -0.27 0.20
N LEU A 651 23.66 -0.63 0.82
CA LEU A 651 23.61 -0.94 2.25
C LEU A 651 23.37 0.33 3.05
N ALA A 652 22.29 0.32 3.83
CA ALA A 652 21.96 1.41 4.74
C ALA A 652 22.26 1.07 6.19
N VAL A 653 22.02 -0.17 6.60
CA VAL A 653 22.34 -0.63 7.95
C VAL A 653 23.22 -1.86 7.83
N LEU A 654 24.42 -1.77 8.39
CA LEU A 654 25.34 -2.91 8.48
C LEU A 654 25.65 -3.14 9.95
N ASN A 655 25.17 -4.26 10.50
CA ASN A 655 25.29 -4.54 11.92
C ASN A 655 26.05 -5.86 12.05
N LEU A 656 27.33 -5.76 12.41
CA LEU A 656 28.19 -6.91 12.61
C LEU A 656 28.71 -6.96 14.04
N ALA A 657 27.83 -6.74 15.00
CA ALA A 657 28.21 -6.64 16.41
C ALA A 657 28.20 -8.01 17.08
N TYR A 658 28.97 -8.10 18.16
CA TYR A 658 29.00 -9.30 19.01
C TYR A 658 29.33 -10.56 18.20
N ASN A 659 30.30 -10.46 17.29
CA ASN A 659 30.59 -11.57 16.39
C ASN A 659 32.02 -12.08 16.43
N ASN A 660 32.93 -11.43 17.14
CA ASN A 660 34.30 -11.89 17.32
C ASN A 660 35.00 -12.06 15.97
N PHE A 661 35.18 -10.91 15.30
CA PHE A 661 35.99 -10.84 14.10
C PHE A 661 37.42 -10.50 14.49
N SER A 662 38.26 -10.17 13.51
CA SER A 662 39.63 -9.76 13.80
C SER A 662 40.20 -9.07 12.57
N GLY A 663 41.33 -8.40 12.78
CA GLY A 663 42.06 -7.79 11.68
C GLY A 663 41.65 -6.35 11.41
N LYS A 664 42.30 -5.79 10.39
CA LYS A 664 42.02 -4.41 10.00
C LYS A 664 40.68 -4.30 9.31
N LEU A 665 40.02 -3.17 9.50
CA LEU A 665 38.78 -2.90 8.81
C LEU A 665 39.05 -2.74 7.31
N PRO A 666 38.13 -3.20 6.46
CA PRO A 666 38.38 -3.12 5.02
C PRO A 666 38.41 -1.68 4.53
N GLN A 667 39.27 -1.42 3.55
CA GLN A 667 39.35 -0.11 2.93
C GLN A 667 38.13 0.19 2.07
N SER A 668 37.30 -0.80 1.78
CA SER A 668 36.09 -0.61 1.00
C SER A 668 34.92 -0.12 1.83
N LEU A 669 35.06 -0.04 3.15
CA LEU A 669 33.99 0.49 3.99
C LEU A 669 33.68 1.94 3.68
N GLY A 670 34.59 2.64 2.99
CA GLY A 670 34.32 3.99 2.55
C GLY A 670 33.58 4.10 1.24
N SER A 671 33.32 2.97 0.58
CA SER A 671 32.61 2.99 -0.69
C SER A 671 31.10 2.97 -0.53
N LEU A 672 30.59 2.83 0.68
CA LEU A 672 29.15 2.78 0.93
C LEU A 672 28.62 4.20 0.99
N THR A 673 28.17 4.70 -0.17
CA THR A 673 27.65 6.07 -0.23
C THR A 673 26.37 6.20 0.57
N ASN A 674 25.48 5.21 0.51
CA ASN A 674 24.17 5.28 1.14
C ASN A 674 24.13 4.65 2.52
N LEU A 675 25.25 4.63 3.24
CA LEU A 675 25.30 4.00 4.54
C LEU A 675 24.69 4.91 5.60
N GLU A 676 23.75 4.37 6.38
CA GLU A 676 23.09 5.12 7.44
C GLU A 676 23.56 4.69 8.82
N ALA A 677 23.49 3.40 9.13
CA ALA A 677 23.88 2.88 10.43
C ALA A 677 24.94 1.80 10.26
N LEU A 678 25.98 1.85 11.10
CA LEU A 678 27.05 0.87 11.10
C LEU A 678 27.30 0.41 12.53
N TYR A 679 27.03 -0.86 12.80
CA TYR A 679 27.18 -1.43 14.14
C TYR A 679 28.31 -2.45 14.11
N MET A 680 29.39 -2.16 14.83
CA MET A 680 30.54 -3.06 14.91
C MET A 680 31.03 -3.18 16.35
N ARG A 681 30.15 -3.07 17.32
CA ARG A 681 30.56 -3.11 18.71
C ARG A 681 30.84 -4.54 19.17
N GLN A 682 31.87 -4.68 20.01
CA GLN A 682 32.24 -5.96 20.63
C GLN A 682 32.61 -7.01 19.58
N ASN A 683 33.65 -6.71 18.80
CA ASN A 683 34.10 -7.63 17.78
C ASN A 683 35.61 -7.81 17.72
N SER A 684 36.39 -7.03 18.46
CA SER A 684 37.85 -7.15 18.51
C SER A 684 38.48 -7.00 17.13
N PHE A 685 38.32 -5.81 16.55
CA PHE A 685 39.03 -5.43 15.34
C PHE A 685 40.42 -4.93 15.72
N SER A 686 41.13 -4.34 14.77
CA SER A 686 42.45 -3.77 15.05
C SER A 686 42.80 -2.76 13.97
N GLY A 687 43.81 -1.95 14.26
CA GLY A 687 44.38 -1.04 13.29
C GLY A 687 43.63 0.28 13.20
N MET A 688 44.23 1.22 12.49
CA MET A 688 43.63 2.52 12.26
C MET A 688 42.46 2.37 11.30
N LEU A 689 41.28 2.81 11.73
CA LEU A 689 40.09 2.64 10.93
C LEU A 689 40.19 3.44 9.63
N PRO A 690 39.64 2.92 8.54
CA PRO A 690 39.78 3.59 7.25
C PRO A 690 38.85 4.80 7.15
N SER A 691 39.16 5.65 6.17
CA SER A 691 38.35 6.83 5.95
C SER A 691 37.01 6.45 5.35
N LEU A 692 35.93 7.00 5.92
CA LEU A 692 34.60 6.85 5.35
C LEU A 692 34.10 8.23 4.92
N SER A 693 34.96 9.00 4.27
CA SER A 693 34.61 10.36 3.88
C SER A 693 33.41 10.38 2.95
N GLN A 694 33.39 9.46 1.97
CA GLN A 694 32.26 9.40 1.06
C GLN A 694 30.99 8.90 1.73
N CYS A 695 31.08 8.38 2.95
CA CYS A 695 29.92 7.82 3.63
C CYS A 695 29.07 8.93 4.25
N GLN A 696 28.62 9.88 3.43
CA GLN A 696 27.64 10.85 3.87
C GLN A 696 26.31 10.15 4.11
N SER A 697 25.33 10.89 4.63
CA SER A 697 24.05 10.31 5.03
C SER A 697 24.23 9.24 6.11
N LEU A 698 25.30 9.35 6.89
CA LEU A 698 25.59 8.43 7.98
C LEU A 698 25.07 9.04 9.29
N GLN A 699 24.34 8.22 10.05
CA GLN A 699 23.70 8.71 11.26
C GLN A 699 24.12 7.99 12.53
N ILE A 700 24.38 6.68 12.48
CA ILE A 700 24.83 5.92 13.63
C ILE A 700 26.15 5.25 13.30
N LEU A 701 27.15 5.44 14.16
CA LEU A 701 28.46 4.82 14.01
C LEU A 701 28.95 4.47 15.41
N ASP A 702 28.76 3.21 15.82
CA ASP A 702 29.26 2.73 17.09
C ASP A 702 30.29 1.63 16.86
N LEU A 703 31.46 1.80 17.48
CA LEU A 703 32.57 0.87 17.34
C LEU A 703 33.16 0.57 18.70
N GLY A 704 32.31 0.45 19.72
CA GLY A 704 32.78 0.30 21.08
C GLY A 704 33.20 -1.11 21.42
N GLY A 705 34.18 -1.21 22.31
CA GLY A 705 34.62 -2.48 22.84
C GLY A 705 35.60 -3.25 21.97
N ASN A 706 35.98 -2.71 20.83
CA ASN A 706 36.94 -3.36 19.94
C ASN A 706 38.35 -2.93 20.35
N LYS A 707 39.35 -3.22 19.51
CA LYS A 707 40.73 -2.84 19.77
C LYS A 707 41.23 -1.85 18.72
N LEU A 708 40.35 -0.97 18.25
CA LEU A 708 40.76 0.07 17.32
C LEU A 708 41.78 0.99 17.96
N THR A 709 42.74 1.47 17.16
CA THR A 709 43.80 2.31 17.66
C THR A 709 43.93 3.56 16.81
N GLY A 710 44.88 4.41 17.17
CA GLY A 710 45.15 5.64 16.44
C GLY A 710 44.47 6.84 17.04
N ARG A 711 44.77 8.00 16.46
CA ARG A 711 44.14 9.23 16.88
C ARG A 711 42.69 9.27 16.44
N ILE A 712 41.91 10.11 17.11
CA ILE A 712 40.50 10.27 16.72
C ILE A 712 40.44 10.73 15.27
N PRO A 713 39.64 10.10 14.43
CA PRO A 713 39.63 10.47 13.00
C PRO A 713 39.29 11.94 12.81
N ALA A 714 40.03 12.58 11.91
CA ALA A 714 39.75 13.97 11.59
C ALA A 714 38.54 14.11 10.67
N TRP A 715 38.19 13.04 9.96
CA TRP A 715 37.08 13.07 9.02
C TRP A 715 35.73 12.92 9.69
N ILE A 716 35.67 12.66 11.00
CA ILE A 716 34.39 12.60 11.69
C ILE A 716 33.73 13.97 11.69
N GLY A 717 34.50 15.02 11.90
CA GLY A 717 33.96 16.37 11.97
C GLY A 717 33.76 17.04 10.63
N THR A 718 34.74 16.87 9.73
CA THR A 718 34.67 17.49 8.40
C THR A 718 33.47 16.97 7.63
N ASP A 719 33.48 15.69 7.31
CA ASP A 719 32.33 15.03 6.71
C ASP A 719 31.42 14.53 7.85
N LEU A 720 30.46 13.66 7.52
CA LEU A 720 29.52 13.12 8.50
C LEU A 720 28.72 14.23 9.17
N LEU A 721 28.04 15.03 8.34
CA LEU A 721 27.29 16.16 8.86
C LEU A 721 26.01 15.71 9.55
N ASN A 722 25.45 14.58 9.15
CA ASN A 722 24.19 14.08 9.70
C ASN A 722 24.38 13.05 10.79
N LEU A 723 25.50 13.11 11.52
CA LEU A 723 25.79 12.15 12.56
C LEU A 723 25.08 12.52 13.85
N ARG A 724 24.46 11.52 14.48
CA ARG A 724 23.71 11.77 15.71
C ARG A 724 24.16 10.85 16.83
N ILE A 725 24.56 9.63 16.49
CA ILE A 725 25.03 8.64 17.47
C ILE A 725 26.46 8.27 17.12
N LEU A 726 27.37 8.48 18.05
CA LEU A 726 28.79 8.17 17.88
C LEU A 726 29.29 7.51 19.16
N SER A 727 29.64 6.24 19.08
CA SER A 727 30.13 5.48 20.23
C SER A 727 31.46 4.85 19.87
N LEU A 728 32.48 5.12 20.66
CA LEU A 728 33.82 4.57 20.45
C LEU A 728 34.44 4.09 21.76
N ARG A 729 33.64 3.56 22.66
CA ARG A 729 34.11 3.22 23.99
C ARG A 729 35.04 2.01 23.95
N PHE A 730 35.88 1.91 24.99
CA PHE A 730 36.68 0.72 25.26
C PHE A 730 37.58 0.35 24.08
N ASN A 731 38.16 1.35 23.43
CA ASN A 731 39.15 1.15 22.39
C ASN A 731 40.46 1.80 22.81
N LYS A 732 41.51 1.53 22.05
CA LYS A 732 42.83 2.06 22.37
C LYS A 732 43.14 3.30 21.52
N PHE A 733 42.33 4.34 21.71
CA PHE A 733 42.59 5.62 21.08
C PHE A 733 43.59 6.41 21.92
N TYR A 734 43.93 7.61 21.45
CA TYR A 734 44.78 8.53 22.19
C TYR A 734 44.69 9.90 21.52
N GLY A 735 45.36 10.87 22.12
CA GLY A 735 45.41 12.20 21.54
C GLY A 735 44.27 13.08 22.00
N SER A 736 44.35 14.34 21.58
CA SER A 736 43.36 15.33 21.96
C SER A 736 42.06 15.12 21.20
N ILE A 737 40.95 15.44 21.86
CA ILE A 737 39.63 15.43 21.21
C ILE A 737 39.54 16.72 20.40
N SER A 738 39.68 16.61 19.09
CA SER A 738 39.77 17.80 18.25
C SER A 738 38.44 18.55 18.27
N PRO A 739 38.47 19.89 18.30
CA PRO A 739 37.22 20.65 18.43
C PRO A 739 36.28 20.49 17.26
N ILE A 740 36.74 20.04 16.10
CA ILE A 740 35.90 19.96 14.92
C ILE A 740 34.70 19.05 15.14
N ILE A 741 34.80 18.12 16.10
CA ILE A 741 33.69 17.25 16.44
C ILE A 741 32.45 18.02 16.85
N CYS A 742 32.58 19.32 17.12
CA CYS A 742 31.44 20.12 17.53
C CYS A 742 30.56 20.53 16.34
N GLN A 743 31.05 20.36 15.11
CA GLN A 743 30.28 20.77 13.94
C GLN A 743 29.20 19.78 13.56
N LEU A 744 28.88 18.78 14.37
CA LEU A 744 27.91 17.78 13.94
C LEU A 744 26.48 18.29 14.01
N GLN A 745 26.18 19.16 14.98
CA GLN A 745 24.92 19.90 15.09
C GLN A 745 23.68 19.03 15.07
N PHE A 746 23.86 17.73 15.23
CA PHE A 746 22.75 16.81 15.46
C PHE A 746 23.11 15.75 16.48
N LEU A 747 24.26 15.87 17.13
CA LEU A 747 24.75 14.84 18.03
C LEU A 747 23.97 14.86 19.33
N GLN A 748 23.37 13.72 19.68
CA GLN A 748 22.74 13.55 20.98
C GLN A 748 23.40 12.47 21.82
N ILE A 749 24.27 11.64 21.23
CA ILE A 749 25.01 10.61 21.95
C ILE A 749 26.47 10.73 21.55
N LEU A 750 27.34 10.98 22.53
CA LEU A 750 28.78 11.08 22.32
C LEU A 750 29.45 10.19 23.35
N ASP A 751 29.90 9.01 22.93
CA ASP A 751 30.45 8.00 23.81
C ASP A 751 31.94 7.84 23.52
N LEU A 752 32.77 8.28 24.45
CA LEU A 752 34.22 8.13 24.35
C LEU A 752 34.80 7.71 25.69
N SER A 753 34.16 6.75 26.35
CA SER A 753 34.58 6.30 27.66
C SER A 753 35.60 5.18 27.55
N ALA A 754 36.62 5.23 28.42
CA ALA A 754 37.67 4.21 28.50
C ALA A 754 38.38 4.05 27.15
N ASN A 755 38.95 5.16 26.68
CA ASN A 755 39.68 5.14 25.42
C ASN A 755 41.08 5.74 25.49
N GLY A 756 41.52 6.25 26.64
CA GLY A 756 42.85 6.80 26.74
C GLY A 756 43.03 8.17 26.12
N LEU A 757 41.95 8.92 25.91
CA LEU A 757 42.07 10.27 25.39
C LEU A 757 42.67 11.19 26.44
N ALA A 758 43.28 12.28 25.96
CA ALA A 758 43.95 13.23 26.83
C ALA A 758 43.79 14.63 26.25
N GLY A 759 44.01 15.63 27.11
CA GLY A 759 43.89 17.01 26.72
C GLY A 759 42.79 17.73 27.49
N LYS A 760 42.19 18.72 26.85
CA LYS A 760 41.14 19.53 27.45
C LYS A 760 39.81 19.23 26.78
N ILE A 761 38.75 19.26 27.57
CA ILE A 761 37.38 19.00 27.10
C ILE A 761 37.03 20.07 26.07
N PRO A 762 36.35 19.72 24.98
CA PRO A 762 35.98 20.73 24.00
C PRO A 762 35.14 21.83 24.62
N GLN A 763 35.42 23.06 24.20
CA GLN A 763 34.71 24.24 24.68
C GLN A 763 33.64 24.69 23.70
N CYS A 764 33.01 23.75 23.00
CA CYS A 764 32.11 24.07 21.90
C CYS A 764 30.88 23.17 21.90
N PHE A 765 30.42 22.74 23.07
CA PHE A 765 29.27 21.84 23.14
C PHE A 765 27.96 22.52 22.81
N ASN A 766 27.91 23.86 22.82
CA ASN A 766 26.66 24.56 22.48
C ASN A 766 26.29 24.36 21.02
N ASN A 767 27.29 24.26 20.16
CA ASN A 767 27.16 23.96 18.74
C ASN A 767 26.18 22.82 18.45
N PHE A 768 25.98 21.90 19.39
CA PHE A 768 25.00 20.84 19.23
C PHE A 768 23.59 21.40 19.35
N THR A 769 22.75 21.11 18.35
CA THR A 769 21.41 21.66 18.33
C THR A 769 20.50 20.97 19.35
N LEU A 770 20.29 19.67 19.21
CA LEU A 770 19.26 18.96 19.97
C LEU A 770 19.51 18.95 21.47
N LEU A 771 20.66 19.43 21.93
CA LEU A 771 20.93 19.55 23.36
C LEU A 771 20.80 20.99 23.83
N HIS A 772 20.26 21.88 22.98
CA HIS A 772 20.03 23.28 23.31
C HIS A 772 18.56 23.66 23.30
N GLN A 773 17.75 23.06 22.45
CA GLN A 773 16.30 23.18 22.56
C GLN A 773 15.83 22.14 23.57
N GLU A 774 15.09 22.61 24.58
CA GLU A 774 14.78 21.77 25.73
C GLU A 774 14.07 20.48 25.31
N ASN A 775 12.86 20.60 24.76
CA ASN A 775 12.06 19.45 24.39
C ASN A 775 12.16 19.11 22.92
N GLY A 776 13.15 19.68 22.24
CA GLY A 776 13.27 19.44 20.81
C GLY A 776 13.55 17.99 20.48
N LEU A 777 13.01 17.56 19.35
CA LEU A 777 13.23 16.21 18.85
C LEU A 777 13.68 16.28 17.41
N GLY A 778 14.61 15.39 17.04
CA GLY A 778 15.17 15.39 15.71
C GLY A 778 14.26 14.73 14.69
N GLU A 779 14.68 14.84 13.43
CA GLU A 779 13.93 14.22 12.35
C GLU A 779 13.97 12.70 12.50
N PRO A 780 12.92 12.00 12.07
CA PRO A 780 12.85 10.55 12.29
C PRO A 780 14.00 9.83 11.60
N MET A 781 14.54 8.82 12.29
CA MET A 781 15.66 8.02 11.78
C MET A 781 15.06 6.72 11.28
N GLU A 782 14.62 6.72 10.02
CA GLU A 782 13.80 5.65 9.49
C GLU A 782 14.34 5.17 8.16
N PHE A 783 14.15 3.89 7.89
CA PHE A 783 14.36 3.34 6.56
C PHE A 783 13.20 2.41 6.23
N LEU A 784 12.92 2.28 4.94
CA LEU A 784 11.68 1.63 4.51
C LEU A 784 11.95 0.64 3.39
N VAL A 785 11.24 -0.49 3.43
CA VAL A 785 11.25 -1.49 2.37
C VAL A 785 9.80 -1.82 2.04
N GLN A 786 9.45 -1.80 0.75
CA GLN A 786 8.08 -2.00 0.33
C GLN A 786 8.02 -2.97 -0.85
N GLY A 787 6.90 -3.66 -0.97
CA GLY A 787 6.72 -4.60 -2.07
C GLY A 787 5.30 -5.13 -2.13
N PHE A 788 5.01 -5.82 -3.23
CA PHE A 788 3.75 -6.50 -3.45
C PHE A 788 4.03 -7.96 -3.77
N TYR A 789 3.26 -8.89 -3.17
CA TYR A 789 3.65 -10.28 -3.29
C TYR A 789 2.51 -11.27 -3.50
N GLY A 790 1.32 -10.83 -3.88
CA GLY A 790 0.18 -11.72 -3.99
C GLY A 790 -0.55 -11.61 -5.30
N LYS A 791 -1.06 -12.75 -5.77
CA LYS A 791 -2.03 -12.71 -6.86
C LYS A 791 -3.28 -11.95 -6.43
N TYR A 792 -3.76 -12.23 -5.22
CA TYR A 792 -4.65 -11.33 -4.52
C TYR A 792 -3.77 -10.32 -3.81
N PRO A 793 -3.61 -9.12 -4.36
CA PRO A 793 -2.48 -8.27 -3.99
C PRO A 793 -2.45 -7.95 -2.50
N ARG A 794 -1.24 -7.94 -1.94
CA ARG A 794 -1.01 -7.55 -0.57
C ARG A 794 0.27 -6.73 -0.51
N HIS A 795 0.31 -5.80 0.43
CA HIS A 795 1.41 -4.85 0.56
C HIS A 795 2.28 -5.25 1.73
N TYR A 796 3.56 -5.45 1.46
CA TYR A 796 4.56 -5.68 2.51
C TYR A 796 5.32 -4.39 2.72
N SER A 797 5.25 -3.85 3.94
CA SER A 797 5.90 -2.59 4.26
C SER A 797 6.61 -2.74 5.60
N TYR A 798 7.93 -2.63 5.57
CA TYR A 798 8.75 -2.70 6.78
C TYR A 798 9.39 -1.33 6.99
N LEU A 799 9.17 -0.76 8.17
CA LEU A 799 9.70 0.55 8.54
C LEU A 799 10.61 0.33 9.75
N GLY A 800 11.93 0.38 9.51
CA GLY A 800 12.89 0.21 10.58
C GLY A 800 13.31 1.54 11.15
N ASN A 801 13.24 1.65 12.47
CA ASN A 801 13.61 2.86 13.19
C ASN A 801 14.98 2.64 13.83
N LEU A 802 15.92 3.51 13.49
CA LEU A 802 17.29 3.34 13.97
C LEU A 802 17.39 3.59 15.46
N LEU A 803 16.66 4.59 15.98
CA LEU A 803 16.73 4.91 17.39
C LEU A 803 16.17 3.79 18.25
N VAL A 804 15.10 3.14 17.78
CA VAL A 804 14.56 1.98 18.48
C VAL A 804 15.59 0.86 18.52
N GLN A 805 16.31 0.66 17.40
CA GLN A 805 17.35 -0.36 17.38
C GLN A 805 18.46 -0.03 18.37
N TRP A 806 18.84 1.25 18.46
CA TRP A 806 19.84 1.64 19.46
C TRP A 806 19.35 1.37 20.87
N LYS A 807 18.08 1.69 21.16
CA LYS A 807 17.54 1.44 22.48
C LYS A 807 17.54 -0.05 22.80
N ASN A 808 17.16 -0.88 21.83
CA ASN A 808 17.16 -2.33 22.06
C ASN A 808 18.58 -2.85 22.28
N GLN A 809 19.54 -2.35 21.51
CA GLN A 809 20.92 -2.81 21.66
C GLN A 809 21.49 -2.40 23.00
N GLU A 810 21.23 -1.16 23.42
CA GLU A 810 21.82 -0.64 24.65
C GLU A 810 21.24 -1.29 25.90
N ALA A 811 20.14 -2.02 25.79
CA ALA A 811 19.60 -2.74 26.94
C ALA A 811 20.55 -3.83 27.42
N GLU A 812 21.48 -4.26 26.58
CA GLU A 812 22.44 -5.29 26.98
C GLU A 812 23.53 -4.73 27.88
N TYR A 813 23.96 -3.49 27.66
CA TYR A 813 25.01 -2.91 28.49
C TYR A 813 24.50 -2.47 29.86
N LYS A 814 23.59 -1.49 29.89
CA LYS A 814 23.22 -0.82 31.13
C LYS A 814 21.81 -1.26 31.53
N ASN A 815 21.75 -2.18 32.48
CA ASN A 815 20.46 -2.57 33.05
C ASN A 815 19.74 -1.41 33.76
N PRO A 816 20.41 -0.60 34.62
CA PRO A 816 19.65 0.40 35.40
C PRO A 816 18.87 1.40 34.56
N LEU A 817 19.56 2.19 33.73
CA LEU A 817 18.89 3.22 32.96
C LEU A 817 19.74 3.58 31.75
N THR A 818 19.07 3.87 30.63
CA THR A 818 19.70 4.39 29.43
C THR A 818 18.94 5.63 28.98
N TYR A 819 19.64 6.53 28.29
CA TYR A 819 19.05 7.78 27.84
C TYR A 819 19.44 8.05 26.40
N LEU A 820 18.54 8.72 25.68
CA LEU A 820 18.76 9.05 24.28
C LEU A 820 19.50 10.35 24.07
N LYS A 821 19.80 11.08 25.15
CA LYS A 821 20.61 12.30 25.08
C LYS A 821 21.70 12.19 26.13
N THR A 822 22.90 11.79 25.71
CA THR A 822 23.97 11.46 26.63
C THR A 822 25.29 11.97 26.09
N ILE A 823 26.10 12.56 26.97
CA ILE A 823 27.48 12.94 26.68
C ILE A 823 28.37 12.17 27.64
N ASP A 824 29.25 11.34 27.09
CA ASP A 824 30.09 10.46 27.90
C ASP A 824 31.56 10.65 27.53
N LEU A 825 32.37 11.03 28.51
CA LEU A 825 33.82 11.13 28.35
C LEU A 825 34.55 10.56 29.55
N SER A 826 33.97 9.54 30.18
CA SER A 826 34.52 9.02 31.43
C SER A 826 35.76 8.17 31.18
N SER A 827 36.56 8.03 32.24
CA SER A 827 37.73 7.14 32.27
C SER A 827 38.69 7.43 31.13
N ASN A 828 39.24 8.64 31.18
CA ASN A 828 40.29 9.06 30.25
C ASN A 828 41.26 9.96 31.01
N LYS A 829 42.34 10.34 30.36
CA LYS A 829 43.31 11.26 30.94
C LYS A 829 43.03 12.71 30.56
N LEU A 830 41.79 13.15 30.76
CA LEU A 830 41.40 14.53 30.46
C LEU A 830 41.87 15.45 31.57
N VAL A 831 42.34 16.63 31.21
CA VAL A 831 42.86 17.61 32.16
C VAL A 831 42.25 18.97 31.85
N GLY A 832 42.31 19.85 32.85
CA GLY A 832 41.73 21.17 32.74
C GLY A 832 40.51 21.34 33.62
N GLY A 833 39.48 22.00 33.10
CA GLY A 833 38.26 22.18 33.84
C GLY A 833 37.06 22.09 32.91
N ILE A 834 35.90 21.85 33.50
CA ILE A 834 34.66 21.78 32.75
C ILE A 834 34.36 23.17 32.21
N PRO A 835 34.27 23.35 30.90
CA PRO A 835 34.02 24.70 30.37
C PRO A 835 32.65 25.20 30.76
N LYS A 836 32.56 26.51 30.96
CA LYS A 836 31.31 27.15 31.38
C LYS A 836 30.36 27.36 30.21
N GLU A 837 30.09 26.31 29.46
CA GLU A 837 29.16 26.36 28.33
C GLU A 837 28.12 25.26 28.39
N MET A 838 28.32 24.25 29.22
CA MET A 838 27.30 23.24 29.47
C MET A 838 26.16 23.75 30.34
N ALA A 839 26.34 24.89 31.00
CA ALA A 839 25.25 25.48 31.77
C ALA A 839 24.11 25.91 30.86
N GLU A 840 24.42 26.37 29.66
CA GLU A 840 23.39 26.75 28.70
C GLU A 840 22.72 25.56 28.04
N MET A 841 23.27 24.35 28.23
CA MET A 841 22.69 23.18 27.60
C MET A 841 21.37 22.81 28.28
N ARG A 842 20.38 22.42 27.49
CA ARG A 842 19.01 22.31 27.97
C ARG A 842 18.49 20.89 28.01
N GLY A 843 18.51 20.18 26.89
CA GLY A 843 17.92 18.87 26.79
C GLY A 843 18.82 17.71 27.20
N LEU A 844 20.03 17.99 27.68
CA LEU A 844 20.94 16.91 28.04
C LEU A 844 20.39 16.15 29.24
N LYS A 845 20.29 14.84 29.10
CA LYS A 845 19.69 13.98 30.11
C LYS A 845 20.72 13.19 30.91
N SER A 846 21.96 13.11 30.44
CA SER A 846 22.99 12.35 31.14
C SER A 846 24.33 13.03 30.94
N LEU A 847 25.20 12.88 31.94
CA LEU A 847 26.54 13.45 31.88
C LEU A 847 27.46 12.64 32.78
N ASN A 848 28.49 12.02 32.19
CA ASN A 848 29.43 11.20 32.94
C ASN A 848 30.84 11.63 32.59
N LEU A 849 31.48 12.35 33.50
CA LEU A 849 32.90 12.69 33.40
C LEU A 849 33.54 12.17 34.68
N SER A 850 33.92 10.89 34.66
CA SER A 850 34.47 10.23 35.84
C SER A 850 35.80 9.58 35.48
N ARG A 851 36.61 9.37 36.51
CA ARG A 851 37.94 8.77 36.41
C ARG A 851 38.89 9.58 35.54
N ASN A 852 38.55 10.83 35.23
CA ASN A 852 39.45 11.74 34.54
C ASN A 852 40.27 12.51 35.57
N ASP A 853 40.98 13.56 35.13
CA ASP A 853 41.71 14.45 36.02
C ASP A 853 41.24 15.87 35.76
N LEU A 854 40.13 16.25 36.39
CA LEU A 854 39.49 17.53 36.16
C LEU A 854 39.80 18.46 37.32
N ASN A 855 40.25 19.69 37.01
CA ASN A 855 40.70 20.63 38.01
C ASN A 855 39.76 21.82 38.04
N GLY A 856 39.49 22.35 39.23
CA GLY A 856 38.63 23.49 39.40
C GLY A 856 37.33 23.13 40.09
N SER A 857 36.32 23.97 39.85
CA SER A 857 35.03 23.84 40.49
C SER A 857 33.97 23.41 39.48
N ILE A 858 32.93 22.75 39.98
CA ILE A 858 31.84 22.32 39.13
C ILE A 858 31.13 23.54 38.56
N ILE A 859 30.51 23.38 37.39
CA ILE A 859 29.93 24.47 36.62
C ILE A 859 29.02 25.33 37.49
N LYS A 860 29.36 26.61 37.60
CA LYS A 860 28.51 27.57 38.29
C LYS A 860 27.44 28.04 37.32
N GLY A 861 26.21 27.55 37.52
CA GLY A 861 25.16 27.77 36.56
C GLY A 861 24.53 26.43 36.20
N ILE A 862 24.90 25.40 36.96
CA ILE A 862 24.35 24.07 36.76
C ILE A 862 22.84 24.06 36.96
N GLY A 863 22.31 25.03 37.72
CA GLY A 863 20.89 25.11 37.94
C GLY A 863 20.08 25.40 36.68
N GLN A 864 20.73 25.88 35.63
CA GLN A 864 20.02 26.13 34.38
C GLN A 864 19.61 24.85 33.67
N MET A 865 20.26 23.73 33.99
CA MET A 865 19.86 22.45 33.42
C MET A 865 18.47 22.07 33.89
N LYS A 866 17.66 21.53 32.99
CA LYS A 866 16.26 21.26 33.28
C LYS A 866 15.94 19.77 33.29
N MET A 867 16.26 19.05 32.22
CA MET A 867 15.89 17.64 32.09
C MET A 867 17.04 16.69 32.41
N LEU A 868 17.86 17.04 33.39
CA LEU A 868 18.92 16.15 33.84
C LEU A 868 18.36 15.03 34.70
N GLU A 869 18.69 13.79 34.33
CA GLU A 869 18.31 12.63 35.12
C GLU A 869 19.51 11.82 35.60
N SER A 870 20.72 12.22 35.25
CA SER A 870 21.93 11.54 35.71
C SER A 870 23.09 12.51 35.64
N LEU A 871 23.98 12.43 36.62
CA LEU A 871 25.14 13.32 36.67
C LEU A 871 26.21 12.65 37.53
N ASP A 872 27.37 12.40 36.94
CA ASP A 872 28.49 11.80 37.65
C ASP A 872 29.73 12.63 37.41
N LEU A 873 30.43 12.97 38.49
CA LEU A 873 31.71 13.67 38.42
C LEU A 873 32.72 13.05 39.36
N SER A 874 32.66 11.73 39.53
CA SER A 874 33.47 11.06 40.53
C SER A 874 34.92 10.92 40.07
N ARG A 875 35.79 10.62 41.04
CA ARG A 875 37.21 10.32 40.82
C ARG A 875 37.89 11.42 40.00
N ASN A 876 37.91 12.62 40.58
CA ASN A 876 38.53 13.76 39.92
C ASN A 876 39.15 14.66 40.99
N GLN A 877 39.97 15.59 40.53
CA GLN A 877 40.64 16.55 41.42
C GLN A 877 39.85 17.86 41.48
N LEU A 878 38.57 17.76 41.85
CA LEU A 878 37.70 18.91 41.93
C LEU A 878 37.94 19.68 43.22
N SER A 879 37.97 21.01 43.12
CA SER A 879 38.21 21.87 44.28
C SER A 879 37.21 23.01 44.28
N GLY A 880 36.71 23.35 45.46
CA GLY A 880 35.73 24.40 45.58
C GLY A 880 34.57 24.04 46.48
N MET A 881 33.41 24.67 46.26
CA MET A 881 32.25 24.48 47.11
C MET A 881 31.04 24.35 46.20
N ILE A 882 30.21 23.34 46.45
CA ILE A 882 29.12 22.96 45.55
C ILE A 882 28.08 24.08 45.47
N PRO A 883 27.79 24.61 44.28
CA PRO A 883 26.97 25.82 44.19
C PRO A 883 25.54 25.58 44.65
N LYS A 884 24.93 26.66 45.15
CA LYS A 884 23.59 26.56 45.72
C LYS A 884 22.54 26.21 44.67
N ASP A 885 22.78 26.55 43.41
CA ASP A 885 21.79 26.28 42.36
C ASP A 885 21.53 24.79 42.18
N LEU A 886 22.44 23.93 42.66
CA LEU A 886 22.17 22.50 42.64
C LEU A 886 20.89 22.17 43.38
N ALA A 887 20.52 23.00 44.35
CA ALA A 887 19.29 22.79 45.09
C ALA A 887 18.05 22.93 44.21
N ASN A 888 18.11 23.71 43.13
CA ASN A 888 16.92 23.90 42.32
C ASN A 888 16.96 23.07 41.05
N LEU A 889 17.77 22.01 41.02
CA LEU A 889 17.52 20.95 40.06
C LEU A 889 16.28 20.16 40.46
N THR A 890 15.64 19.54 39.47
CA THR A 890 14.33 18.95 39.68
C THR A 890 14.30 17.44 39.56
N PHE A 891 14.75 16.88 38.43
CA PHE A 891 14.48 15.49 38.11
C PHE A 891 15.72 14.60 38.13
N ILE A 892 16.76 14.98 38.87
CA ILE A 892 17.98 14.18 38.91
C ILE A 892 17.70 12.85 39.61
N GLY A 893 18.09 11.76 38.96
CA GLY A 893 17.83 10.44 39.50
C GLY A 893 19.02 9.84 40.20
N VAL A 894 20.19 9.92 39.58
CA VAL A 894 21.44 9.41 40.16
C VAL A 894 22.45 10.55 40.17
N LEU A 895 23.23 10.62 41.24
CA LEU A 895 24.22 11.67 41.41
C LEU A 895 25.41 11.09 42.14
N ASP A 896 26.61 11.48 41.74
CA ASP A 896 27.82 11.04 42.42
C ASP A 896 28.87 12.14 42.36
N LEU A 897 29.45 12.47 43.51
CA LEU A 897 30.53 13.44 43.61
C LEU A 897 31.63 12.93 44.51
N SER A 898 31.85 11.61 44.52
CA SER A 898 32.84 11.01 45.38
C SER A 898 34.26 11.35 44.91
N ASN A 899 35.20 11.24 45.85
CA ASN A 899 36.63 11.37 45.57
C ASN A 899 36.95 12.72 44.93
N ASN A 900 36.70 13.78 45.70
CA ASN A 900 36.98 15.14 45.29
C ASN A 900 37.45 15.93 46.50
N HIS A 901 38.25 16.97 46.23
CA HIS A 901 38.70 17.88 47.29
C HIS A 901 37.73 19.06 47.38
N LEU A 902 36.55 18.78 47.91
CA LEU A 902 35.44 19.73 47.92
C LEU A 902 35.25 20.31 49.31
N SER A 903 34.41 21.34 49.38
CA SER A 903 33.99 21.93 50.64
C SER A 903 32.70 21.27 51.11
N GLY A 904 32.20 21.70 52.27
CA GLY A 904 31.08 21.07 52.92
C GLY A 904 29.79 21.84 52.81
N ARG A 905 28.84 21.52 53.69
CA ARG A 905 27.49 22.08 53.71
C ARG A 905 26.76 21.80 52.38
N ILE A 906 26.49 20.51 52.18
CA ILE A 906 25.72 20.02 51.05
C ILE A 906 24.38 20.77 51.03
N PRO A 907 23.94 21.26 49.88
CA PRO A 907 22.71 22.07 49.85
C PRO A 907 21.51 21.30 50.36
N SER A 908 20.65 22.00 51.10
CA SER A 908 19.42 21.43 51.64
C SER A 908 18.35 21.57 50.58
N SER A 909 18.14 20.50 49.81
CA SER A 909 17.18 20.48 48.72
C SER A 909 16.24 19.30 48.90
N THR A 910 15.34 19.13 47.93
CA THR A 910 14.32 18.10 48.05
C THR A 910 14.90 16.72 47.78
N GLN A 911 15.43 16.49 46.58
CA GLN A 911 15.95 15.19 46.20
C GLN A 911 17.42 15.01 46.58
N LEU A 912 18.11 16.08 46.96
CA LEU A 912 19.51 15.94 47.39
C LEU A 912 19.62 15.12 48.66
N GLN A 913 18.71 15.33 49.62
CA GLN A 913 18.74 14.56 50.86
C GLN A 913 18.32 13.11 50.65
N THR A 914 17.68 12.80 49.51
CA THR A 914 17.23 11.45 49.23
C THR A 914 18.37 10.52 48.82
N PHE A 915 19.56 11.04 48.58
CA PHE A 915 20.69 10.22 48.17
C PHE A 915 21.43 9.68 49.37
N GLU A 916 22.07 8.53 49.18
CA GLU A 916 22.73 7.82 50.26
C GLU A 916 24.08 8.46 50.59
N ARG A 917 24.80 7.82 51.51
CA ARG A 917 26.12 8.31 51.91
C ARG A 917 27.19 7.99 50.88
N SER A 918 26.94 7.03 49.99
CA SER A 918 27.93 6.68 48.99
C SER A 918 28.14 7.80 47.98
N SER A 919 27.07 8.50 47.61
CA SER A 919 27.16 9.52 46.58
C SER A 919 28.05 10.69 46.99
N TYR A 920 28.27 10.89 48.29
CA TYR A 920 29.11 11.98 48.77
C TYR A 920 30.31 11.49 49.56
N SER A 921 30.66 10.21 49.42
CA SER A 921 31.75 9.64 50.18
C SER A 921 33.09 10.12 49.63
N GLY A 922 34.16 9.78 50.34
CA GLY A 922 35.52 10.05 49.87
C GLY A 922 35.85 11.51 49.69
N ASN A 923 35.37 12.36 50.58
CA ASN A 923 35.66 13.79 50.52
C ASN A 923 36.13 14.29 51.88
N ALA A 924 37.03 15.27 51.85
CA ALA A 924 37.58 15.88 53.06
C ALA A 924 36.88 17.20 53.38
N GLN A 925 35.58 17.27 53.15
CA GLN A 925 34.81 18.47 53.37
C GLN A 925 34.94 19.00 54.79
C1 NAG B . -19.43 1.65 -29.57
C2 NAG B . -20.53 1.10 -28.66
C3 NAG B . -20.12 1.26 -27.19
C4 NAG B . -18.76 0.64 -26.94
C5 NAG B . -17.74 1.22 -27.92
C6 NAG B . -16.38 0.59 -27.81
C7 NAG B . -22.97 1.12 -28.95
C8 NAG B . -24.17 1.96 -29.22
N2 NAG B . -21.80 1.77 -28.90
O3 NAG B . -21.09 0.63 -26.37
O4 NAG B . -18.33 0.91 -25.61
O5 NAG B . -18.19 1.02 -29.26
O6 NAG B . -15.40 1.53 -27.38
O7 NAG B . -23.04 -0.09 -28.78
C1 NAG B . -18.24 -0.34 -24.91
C2 NAG B . -17.55 -0.08 -23.58
C3 NAG B . -17.48 -1.37 -22.76
C4 NAG B . -18.87 -2.01 -22.65
C5 NAG B . -19.50 -2.16 -24.03
C6 NAG B . -20.92 -2.66 -23.98
C7 NAG B . -15.98 1.76 -24.02
C8 NAG B . -14.54 2.14 -24.20
N2 NAG B . -16.22 0.46 -23.77
O3 NAG B . -16.98 -1.08 -21.46
O4 NAG B . -18.73 -3.31 -22.06
O5 NAG B . -19.53 -0.88 -24.69
O6 NAG B . -21.14 -3.69 -24.93
O7 NAG B . -16.88 2.58 -24.07
C1 BMA B . -19.54 -3.38 -20.87
C2 BMA B . -19.82 -4.88 -20.58
C3 BMA B . -20.58 -5.01 -19.27
C4 BMA B . -19.91 -4.21 -18.15
C5 BMA B . -19.68 -2.77 -18.59
C6 BMA B . -18.96 -1.95 -17.55
O2 BMA B . -18.61 -5.60 -20.43
O3 BMA B . -20.70 -6.37 -18.88
O4 BMA B . -20.73 -4.23 -16.99
O5 BMA B . -18.87 -2.79 -19.77
O6 BMA B . -17.86 -2.70 -17.10
C1 MAN B . -17.01 -1.89 -16.27
C2 MAN B . -15.69 -2.63 -16.12
C3 MAN B . -15.93 -3.93 -15.39
C4 MAN B . -16.61 -3.67 -14.04
C5 MAN B . -17.90 -2.88 -14.24
C6 MAN B . -18.52 -2.42 -12.93
O2 MAN B . -14.77 -1.89 -15.32
O3 MAN B . -14.72 -4.65 -15.18
O4 MAN B . -16.92 -4.91 -13.41
O5 MAN B . -17.63 -1.69 -15.02
O6 MAN B . -17.57 -1.58 -12.28
C1 MAN B . -18.08 -1.20 -10.98
C2 MAN B . -17.20 -0.05 -10.46
C3 MAN B . -15.81 -0.57 -10.23
C4 MAN B . -15.85 -1.74 -9.24
C5 MAN B . -16.77 -2.85 -9.80
C6 MAN B . -16.97 -3.97 -8.82
O2 MAN B . -17.61 0.36 -9.16
O3 MAN B . -14.93 0.43 -9.76
O4 MAN B . -14.55 -2.26 -9.04
O5 MAN B . -18.06 -2.29 -10.09
O6 MAN B . -17.80 -4.95 -9.44
C1 MAN B . -18.54 1.46 -9.23
C2 MAN B . -18.14 2.46 -8.13
C3 MAN B . -18.39 1.83 -6.76
C4 MAN B . -19.82 1.30 -6.67
C5 MAN B . -20.07 0.30 -7.80
C6 MAN B . -21.47 -0.25 -7.81
O2 MAN B . -18.95 3.63 -8.17
O3 MAN B . -18.14 2.76 -5.71
O4 MAN B . -20.01 0.64 -5.42
O5 MAN B . -19.85 0.98 -9.05
O6 MAN B . -22.32 0.73 -8.39
C1 MAN B . -14.51 -5.54 -16.29
C2 MAN B . -14.72 -6.98 -15.77
C3 MAN B . -13.61 -7.37 -14.80
C4 MAN B . -12.23 -7.10 -15.42
C5 MAN B . -12.14 -5.63 -15.86
C6 MAN B . -10.83 -5.29 -16.55
O2 MAN B . -14.65 -7.92 -16.84
O3 MAN B . -13.71 -8.73 -14.40
O4 MAN B . -11.21 -7.36 -14.47
O5 MAN B . -13.20 -5.37 -16.81
O6 MAN B . -10.91 -5.75 -17.90
C1 MAN B . -21.62 -7.04 -19.77
C2 MAN B . -22.74 -7.69 -18.91
C3 MAN B . -22.18 -8.88 -18.13
C4 MAN B . -21.44 -9.85 -19.06
C5 MAN B . -20.34 -9.09 -19.82
C6 MAN B . -19.58 -9.96 -20.81
O2 MAN B . -23.79 -8.20 -19.71
O3 MAN B . -23.21 -9.57 -17.42
O4 MAN B . -20.86 -10.90 -18.32
O5 MAN B . -20.94 -8.01 -20.55
O6 MAN B . -19.15 -11.14 -20.13
C1 NAG C . -46.74 8.06 -4.20
C2 NAG C . -46.62 9.45 -3.58
C3 NAG C . -47.97 9.90 -3.04
C4 NAG C . -49.04 9.80 -4.11
C5 NAG C . -49.07 8.40 -4.69
C6 NAG C . -50.03 8.25 -5.85
C7 NAG C . -44.99 10.58 -2.14
C8 NAG C . -43.99 10.41 -1.04
N2 NAG C . -45.61 9.47 -2.53
O3 NAG C . -47.87 11.25 -2.57
O4 NAG C . -50.31 10.12 -3.56
O5 NAG C . -47.77 8.05 -5.19
O6 NAG C . -50.01 6.94 -6.39
O7 NAG C . -45.23 11.68 -2.64
C1 NAG C . -50.76 11.37 -4.12
C2 NAG C . -52.20 11.18 -4.59
C3 NAG C . -53.13 10.98 -3.40
C4 NAG C . -53.03 12.15 -2.42
C5 NAG C . -51.58 12.49 -2.05
C6 NAG C . -51.00 11.57 -1.00
C7 NAG C . -52.76 12.27 -6.72
C8 NAG C . -52.42 10.95 -7.37
N2 NAG C . -52.64 12.31 -5.39
O3 NAG C . -52.81 9.76 -2.75
O4 NAG C . -53.65 13.29 -2.99
O5 NAG C . -50.69 12.48 -3.18
O6 NAG C . -50.45 12.31 0.09
O7 NAG C . -53.13 13.24 -7.37
C1 NAG D . 9.40 -11.74 10.98
C2 NAG D . 9.39 -10.24 10.73
C3 NAG D . 9.45 -9.47 12.04
C4 NAG D . 8.34 -9.94 12.97
C5 NAG D . 8.42 -11.44 13.16
C6 NAG D . 7.28 -12.01 13.98
C7 NAG D . 10.39 -8.98 8.87
C8 NAG D . 11.63 -8.70 8.09
N2 NAG D . 10.50 -9.85 9.86
O3 NAG D . 9.31 -8.08 11.79
O4 NAG D . 8.46 -9.27 14.24
O5 NAG D . 8.34 -12.09 11.87
O6 NAG D . 6.03 -11.81 13.35
O7 NAG D . 9.32 -8.43 8.61
C1 NAG D . 7.21 -8.65 14.57
C2 NAG D . 7.35 -7.93 15.92
C3 NAG D . 6.03 -7.25 16.29
C4 NAG D . 5.54 -6.36 15.16
C5 NAG D . 5.52 -7.13 13.84
C6 NAG D . 5.20 -6.25 12.64
C7 NAG D . 9.04 -9.13 17.24
C8 NAG D . 9.28 -10.11 18.35
N2 NAG D . 7.76 -8.86 16.96
O3 NAG D . 6.22 -6.47 17.47
O4 NAG D . 4.21 -5.95 15.45
O5 NAG D . 6.82 -7.70 13.58
O6 NAG D . 6.07 -5.13 12.58
O7 NAG D . 9.96 -8.60 16.63
C1 BMA D . 4.14 -4.52 15.60
C2 BMA D . 2.64 -4.15 15.52
C3 BMA D . 2.44 -2.66 15.82
C4 BMA D . 3.20 -2.23 17.09
C5 BMA D . 4.66 -2.69 17.02
C6 BMA D . 5.42 -2.36 18.30
O2 BMA D . 1.89 -4.86 16.50
O3 BMA D . 1.06 -2.35 15.95
O4 BMA D . 3.14 -0.82 17.22
O5 BMA D . 4.70 -4.10 16.83
O6 BMA D . 4.81 -3.10 19.35
C1 MAN D . 0.67 -1.51 14.85
C2 MAN D . -0.66 -0.80 15.27
C3 MAN D . -1.80 -1.82 15.30
C4 MAN D . -1.87 -2.58 13.97
C5 MAN D . -0.53 -3.27 13.69
C6 MAN D . -0.50 -3.98 12.36
O2 MAN D . -1.04 0.19 14.33
O3 MAN D . -3.05 -1.19 15.58
O4 MAN D . -2.90 -3.56 14.04
O5 MAN D . 0.50 -2.27 13.66
O6 MAN D . -0.52 -3.00 11.33
C1 MAN D . 5.05 -2.41 20.59
C2 MAN D . 4.83 -3.43 21.75
C3 MAN D . 3.34 -3.76 21.90
C4 MAN D . 2.52 -2.46 22.00
C5 MAN D . 2.78 -1.58 20.78
C6 MAN D . 2.04 -0.26 20.83
O2 MAN D . 5.24 -2.90 23.01
O3 MAN D . 3.10 -4.59 23.03
O4 MAN D . 1.13 -2.78 22.05
O5 MAN D . 4.19 -1.28 20.72
O6 MAN D . 2.62 0.53 21.86
C1 NAG E . 32.80 -7.56 -7.26
C2 NAG E . 34.03 -8.42 -6.96
C3 NAG E . 34.71 -8.83 -8.26
C4 NAG E . 33.71 -9.45 -9.23
C5 NAG E . 32.49 -8.54 -9.39
C6 NAG E . 31.39 -9.14 -10.23
C7 NAG E . 35.92 -8.28 -5.39
C8 NAG E . 36.79 -7.38 -4.57
N2 NAG E . 34.96 -7.69 -6.11
O3 NAG E . 35.75 -9.76 -7.99
O4 NAG E . 34.35 -9.61 -10.50
O5 NAG E . 31.93 -8.26 -8.11
O6 NAG E . 30.57 -10.01 -9.46
O7 NAG E . 36.09 -9.51 -5.40
C1 NAG E . 34.19 -10.93 -11.02
C2 NAG E . 35.07 -11.05 -12.26
C3 NAG E . 34.91 -12.44 -12.88
C4 NAG E . 35.19 -13.52 -11.84
C5 NAG E . 34.34 -13.29 -10.58
C6 NAG E . 34.67 -14.24 -9.46
C7 NAG E . 35.37 -8.84 -13.26
C8 NAG E . 34.93 -7.88 -14.33
N2 NAG E . 34.76 -10.02 -13.23
O3 NAG E . 35.82 -12.58 -13.97
O4 NAG E . 34.91 -14.80 -12.38
O5 NAG E . 34.54 -11.96 -10.08
O6 NAG E . 36.07 -14.22 -9.18
O7 NAG E . 36.25 -8.54 -12.44
C1 NAG F . 30.12 6.59 34.59
C2 NAG F . 29.09 5.78 35.36
C3 NAG F . 29.80 4.84 36.34
C4 NAG F . 30.84 3.99 35.62
C5 NAG F . 31.76 4.87 34.78
C6 NAG F . 32.71 4.07 33.91
C7 NAG F . 26.85 6.52 36.00
C8 NAG F . 26.04 7.50 36.80
N2 NAG F . 28.17 6.65 36.08
O3 NAG F . 28.83 4.00 36.97
O4 NAG F . 31.65 3.30 36.56
O5 NAG F . 31.01 5.71 33.90
O6 NAG F . 33.03 4.78 32.72
O7 NAG F . 26.31 5.66 35.31
C1 NAG F . 31.23 1.96 36.85
C2 NAG F . 32.49 1.16 37.20
C3 NAG F . 32.12 -0.25 37.64
C4 NAG F . 31.10 -0.22 38.76
C5 NAG F . 29.90 0.60 38.31
C6 NAG F . 28.87 0.77 39.41
C7 NAG F . 34.73 1.35 36.19
C8 NAG F . 35.22 1.65 37.57
N2 NAG F . 33.41 1.13 36.07
O3 NAG F . 33.31 -0.92 38.07
O4 NAG F . 30.70 -1.53 39.11
O5 NAG F . 30.32 1.92 37.93
O6 NAG F . 29.46 1.22 40.61
O7 NAG F . 35.49 1.31 35.22
C1 BMA F . 31.35 -1.91 40.35
C2 BMA F . 30.27 -2.01 41.45
C3 BMA F . 30.90 -2.49 42.74
C4 BMA F . 31.72 -3.77 42.52
C5 BMA F . 32.74 -3.54 41.39
C6 BMA F . 33.54 -4.80 41.07
O2 BMA F . 29.28 -2.97 41.11
O3 BMA F . 29.93 -2.70 43.76
O4 BMA F . 32.40 -4.12 43.72
O5 BMA F . 32.03 -3.15 40.21
O6 BMA F . 34.72 -4.42 40.38
C1 NAG G . -29.81 -11.08 -47.52
C2 NAG G . -30.48 -10.30 -46.38
C3 NAG G . -31.99 -10.43 -46.48
C4 NAG G . -32.48 -10.01 -47.87
C5 NAG G . -31.74 -10.82 -48.94
C6 NAG G . -32.08 -10.38 -50.34
C7 NAG G . -29.54 -9.94 -44.15
C8 NAG G . -29.09 -10.58 -42.87
N2 NAG G . -30.01 -10.76 -45.09
O3 NAG G . -32.60 -9.61 -45.49
O4 NAG G . -33.88 -10.27 -47.99
O5 NAG G . -30.32 -10.63 -48.78
O6 NAG G . -31.10 -9.49 -50.86
O7 NAG G . -29.46 -8.72 -44.33
C1 NAG H . -27.56 12.92 -51.12
C2 NAG H . -26.37 13.07 -52.05
C3 NAG H . -26.71 14.02 -53.20
C4 NAG H . -27.97 13.53 -53.91
C5 NAG H . -29.11 13.34 -52.91
C6 NAG H . -30.34 12.73 -53.54
C7 NAG H . -23.96 13.11 -51.58
C8 NAG H . -22.86 13.71 -50.75
N2 NAG H . -25.20 13.55 -51.33
O3 NAG H . -25.63 14.08 -54.11
O4 NAG H . -28.36 14.49 -54.90
O5 NAG H . -28.69 12.45 -51.86
O6 NAG H . -30.12 12.41 -54.90
O7 NAG H . -23.73 12.26 -52.43
C1 NAG I . -42.10 27.79 -32.17
C2 NAG I . -40.83 27.97 -32.98
C3 NAG I . -41.17 28.35 -34.42
C4 NAG I . -42.14 27.34 -35.02
C5 NAG I . -43.37 27.18 -34.12
C6 NAG I . -44.32 26.11 -34.60
C7 NAG I . -38.63 28.89 -32.42
C8 NAG I . -37.88 30.01 -31.75
N2 NAG I . -39.96 28.97 -32.39
O3 NAG I . -39.98 28.40 -35.19
O4 NAG I . -42.56 27.77 -36.32
O5 NAG I . -42.96 26.81 -32.80
O6 NAG I . -43.90 25.57 -35.85
O7 NAG I . -38.05 27.95 -32.95
C1 NAG J . -42.20 20.26 -19.36
C2 NAG J . -43.24 21.37 -19.66
C3 NAG J . -42.78 22.72 -19.09
C4 NAG J . -42.38 22.59 -17.63
C5 NAG J . -41.34 21.51 -17.48
C6 NAG J . -40.96 21.27 -16.03
C7 NAG J . -44.13 20.61 -21.84
C8 NAG J . -44.24 20.93 -23.29
N2 NAG J . -43.45 21.49 -21.10
O3 NAG J . -43.83 23.67 -19.22
O4 NAG J . -41.86 23.82 -17.16
O5 NAG J . -41.88 20.27 -17.95
O6 NAG J . -41.93 21.81 -15.15
O7 NAG J . -44.62 19.60 -21.35
C1 NAG K . -14.78 -33.75 1.05
C2 NAG K . -15.03 -34.33 -0.35
C3 NAG K . -15.53 -35.77 -0.25
C4 NAG K . -14.59 -36.60 0.59
C5 NAG K . -14.36 -35.95 1.95
C6 NAG K . -13.33 -36.67 2.79
C7 NAG K . -15.77 -33.12 -2.36
C8 NAG K . -14.51 -33.60 -3.02
N2 NAG K . -15.96 -33.50 -1.10
O3 NAG K . -15.66 -36.32 -1.55
O4 NAG K . -15.14 -37.90 0.79
O5 NAG K . -13.87 -34.61 1.76
O6 NAG K . -12.45 -37.45 1.98
O7 NAG K . -16.58 -32.43 -2.97
C1 NAG L . 3.31 -22.37 -9.69
C2 NAG L . 3.42 -23.37 -10.83
C3 NAG L . 3.55 -22.64 -12.16
C4 NAG L . 2.40 -21.65 -12.33
C5 NAG L . 2.31 -20.72 -11.12
C6 NAG L . 1.10 -19.81 -11.17
C7 NAG L . 4.48 -25.58 -10.79
C8 NAG L . 5.74 -26.35 -10.54
N2 NAG L . 4.55 -24.26 -10.62
O3 NAG L . 3.55 -23.58 -13.22
O4 NAG L . 2.61 -20.87 -13.50
O5 NAG L . 2.19 -21.50 -9.92
O6 NAG L . 0.77 -19.32 -9.88
O7 NAG L . 3.43 -26.13 -11.14
C1 NAG M . 5.91 -20.58 22.55
C2 NAG M . 5.40 -20.95 23.95
C3 NAG M . 5.04 -19.68 24.72
C4 NAG M . 6.22 -18.72 24.74
C5 NAG M . 6.69 -18.44 23.32
C6 NAG M . 7.93 -17.57 23.27
C7 NAG M . 4.36 -23.17 24.02
C8 NAG M . 3.07 -23.94 23.90
N2 NAG M . 4.26 -21.85 23.85
O3 NAG M . 4.67 -20.04 26.05
O4 NAG M . 5.82 -17.49 25.35
O5 NAG M . 7.02 -19.68 22.67
O6 NAG M . 7.68 -16.28 23.81
O7 NAG M . 5.42 -23.71 24.26
C1 NAG N . 18.91 -22.34 21.05
C2 NAG N . 19.03 -23.55 21.98
C3 NAG N . 18.47 -23.21 23.35
C4 NAG N . 19.16 -21.97 23.90
C5 NAG N . 19.03 -20.81 22.92
C6 NAG N . 19.78 -19.57 23.36
C7 NAG N . 18.94 -25.91 21.29
C8 NAG N . 18.09 -27.00 20.70
N2 NAG N . 18.35 -24.72 21.42
O3 NAG N . 18.66 -24.31 24.23
O4 NAG N . 18.56 -21.60 25.14
O5 NAG N . 19.57 -21.19 21.64
O6 NAG N . 20.70 -19.15 22.37
O7 NAG N . 20.12 -26.09 21.61
C1 NAG O . 28.74 25.99 16.10
C2 NAG O . 29.88 26.24 15.09
C3 NAG O . 29.31 26.50 13.70
C4 NAG O . 28.39 25.36 13.29
C5 NAG O . 27.29 25.20 14.34
C6 NAG O . 26.37 24.03 14.05
C7 NAG O . 32.01 27.20 15.83
C8 NAG O . 32.58 25.82 15.71
N2 NAG O . 30.72 27.35 15.51
O3 NAG O . 30.38 26.61 12.77
O4 NAG O . 27.79 25.65 12.03
O5 NAG O . 27.90 24.94 15.62
O6 NAG O . 26.50 23.60 12.70
O7 NAG O . 32.70 28.15 16.18
C1 NAG P . 16.60 27.82 40.42
C2 NAG P . 16.22 28.89 39.40
C3 NAG P . 17.23 30.04 39.41
C4 NAG P . 17.41 30.57 40.83
C5 NAG P . 17.78 29.44 41.78
C6 NAG P . 17.86 29.88 43.22
C7 NAG P . 14.95 28.35 37.37
C8 NAG P . 13.78 29.00 38.03
N2 NAG P . 16.09 28.33 38.07
O3 NAG P . 16.76 31.08 38.57
O4 NAG P . 18.44 31.56 40.85
O5 NAG P . 16.78 28.42 41.72
O6 NAG P . 19.21 29.97 43.66
O7 NAG P . 14.87 27.88 36.24
C1 NAG Q . 44.38 23.02 37.56
C2 NAG Q . 45.66 23.77 37.85
C3 NAG Q . 46.36 24.17 36.54
C4 NAG Q . 45.45 24.08 35.32
C5 NAG Q . 44.67 22.76 35.23
C6 NAG Q . 45.28 21.77 34.27
C7 NAG Q . 44.64 25.96 38.41
C8 NAG Q . 44.57 27.05 39.44
N2 NAG Q . 45.45 24.93 38.70
O3 NAG Q . 47.51 23.35 36.35
O4 NAG Q . 44.54 25.18 35.31
O5 NAG Q . 44.60 22.11 36.52
O6 NAG Q . 45.51 22.36 33.01
O7 NAG Q . 44.01 26.03 37.36
#